data_5OEP
#
_entry.id   5OEP
#
_cell.length_a   78.300
_cell.length_b   84.540
_cell.length_c   80.970
_cell.angle_alpha   90.00
_cell.angle_beta   103.52
_cell.angle_gamma   90.00
#
_symmetry.space_group_name_H-M   'P 1 21 1'
#
loop_
_entity.id
_entity.type
_entity.pdbx_description
1 polymer 'Decaprenylphosphoryl-beta-D-ribose oxidase'
2 non-polymer 'FLAVIN-ADENINE DINUCLEOTIDE'
3 non-polymer 'ethyl ~{N}-[2-(1,3-benzothiazol-2-ylcarbonylamino)-5-fluoranyl-thiophen-3-yl]carbonylcarbamate'
4 non-polymer IMIDAZOLE
5 water water
#
_entity_poly.entity_id   1
_entity_poly.type   'polypeptide(L)'
_entity_poly.pdbx_seq_one_letter_code
;MGSSHHHHHHSQDPNSMLSVGATTTATRLTGWGRTAPSVANVLRTPDAEMIVKAVARVAESGGGRGAIARGLGRSYGDNA
QNGGGLVIDMTPLNTIHSIDADTKLVDIDAGVNLDQLMKAALPFGLWVPVLPGTRQVTVGGAIACDIHGKNHHSAGSFGN
HVRSMDLLTADGEIRHLTPTGEDAELFWATVGGNGLTGIIMRATIEMTPTSTAYFIADGDVTASLDETIALHSDGSEARY
TYSSAWFDAISAPPKLGRAAVSRGRLATVEQLPAKLRSEPLKFDAPQLLTLPDVFPNGLANKYTFGPIGELWYRKSGTYR
GKVQNLTQFYHPLDMFGEWNRAYGPAGFLQYQFVIPTEAVDEFKKIIGVIQASGHYSFLNVFKLFGPRNQAPLSFPIPGW
NICVDFPIKDGLGKFVSELDRRVLEFGGRLYTAKDSRTTAETFHAMYPRVDEWISVRRKVDPLRVFASDMARRLELL
;
_entity_poly.pdbx_strand_id   A,B
#
# COMPACT_ATOMS: atom_id res chain seq x y z
N THR A 23 -9.16 18.19 -27.75
CA THR A 23 -9.61 17.31 -26.63
C THR A 23 -9.50 15.82 -26.95
N THR A 24 -9.85 15.42 -28.19
CA THR A 24 -9.85 14.00 -28.62
C THR A 24 -8.91 13.74 -29.82
N THR A 25 -8.36 12.52 -29.93
CA THR A 25 -7.48 12.10 -31.05
C THR A 25 -8.03 10.89 -31.81
N ALA A 26 -8.02 10.96 -33.15
CA ALA A 26 -8.34 9.82 -34.02
C ALA A 26 -7.31 8.69 -33.86
N THR A 27 -7.76 7.53 -33.37
CA THR A 27 -6.87 6.37 -33.09
C THR A 27 -7.46 5.05 -33.59
N ARG A 28 -6.67 4.28 -34.33
CA ARG A 28 -7.00 2.90 -34.69
C ARG A 28 -6.84 1.98 -33.47
N LEU A 29 -7.98 1.63 -32.86
CA LEU A 29 -8.03 0.75 -31.69
C LEU A 29 -8.36 -0.70 -32.10
N THR A 30 -7.86 -1.66 -31.31
CA THR A 30 -8.19 -3.10 -31.45
C THR A 30 -8.32 -3.71 -30.05
N GLY A 31 -8.90 -4.90 -29.95
CA GLY A 31 -8.82 -5.72 -28.72
C GLY A 31 -7.49 -6.46 -28.67
N TRP A 32 -7.22 -7.14 -27.54
CA TRP A 32 -5.94 -7.82 -27.26
C TRP A 32 -5.49 -8.88 -28.31
N GLY A 33 -6.46 -9.53 -28.97
CA GLY A 33 -6.21 -10.49 -30.04
C GLY A 33 -5.71 -9.84 -31.32
N ARG A 34 -5.38 -8.54 -31.21
CA ARG A 34 -4.87 -7.66 -32.31
C ARG A 34 -5.70 -7.78 -33.60
N THR A 35 -7.02 -7.78 -33.42
CA THR A 35 -7.97 -8.23 -34.46
C THR A 35 -9.19 -7.29 -34.64
N ALA A 36 -9.66 -7.20 -35.90
CA ALA A 36 -10.79 -6.33 -36.34
C ALA A 36 -10.61 -4.82 -36.01
N PRO A 37 -9.64 -4.13 -36.67
CA PRO A 37 -9.35 -2.73 -36.33
C PRO A 37 -10.48 -1.73 -36.67
N SER A 38 -10.68 -0.72 -35.82
CA SER A 38 -11.64 0.39 -36.06
C SER A 38 -11.13 1.74 -35.49
N VAL A 39 -11.33 2.82 -36.25
CA VAL A 39 -10.88 4.19 -35.87
C VAL A 39 -11.95 4.92 -35.04
N ALA A 40 -11.53 5.41 -33.87
CA ALA A 40 -12.37 6.24 -33.01
C ALA A 40 -11.64 7.53 -32.54
N ASN A 41 -12.42 8.53 -32.12
CA ASN A 41 -11.88 9.63 -31.31
C ASN A 41 -11.65 9.09 -29.89
N VAL A 42 -10.39 9.16 -29.44
CA VAL A 42 -10.01 8.71 -28.08
C VAL A 42 -9.78 9.93 -27.18
N LEU A 43 -10.68 10.10 -26.21
CA LEU A 43 -10.52 11.07 -25.13
C LEU A 43 -9.77 10.42 -23.96
N ARG A 44 -8.62 11.02 -23.62
CA ARG A 44 -7.73 10.53 -22.58
C ARG A 44 -7.45 11.68 -21.59
N THR A 45 -8.29 11.80 -20.56
CA THR A 45 -8.17 12.89 -19.59
C THR A 45 -8.16 12.38 -18.12
N PRO A 46 -7.33 13.00 -17.25
CA PRO A 46 -7.45 12.69 -15.81
C PRO A 46 -8.65 13.41 -15.17
N ASP A 47 -9.21 14.38 -15.88
CA ASP A 47 -10.28 15.23 -15.34
C ASP A 47 -11.66 14.62 -15.54
N ALA A 48 -12.32 14.28 -14.44
CA ALA A 48 -13.67 13.70 -14.47
C ALA A 48 -14.71 14.63 -15.09
N GLU A 49 -14.54 15.93 -14.86
CA GLU A 49 -15.39 16.98 -15.43
C GLU A 49 -15.48 16.88 -16.94
N MET A 50 -14.32 16.69 -17.57
CA MET A 50 -14.21 16.68 -19.02
C MET A 50 -14.97 15.49 -19.59
N ILE A 51 -14.90 14.37 -18.87
CA ILE A 51 -15.62 13.15 -19.22
C ILE A 51 -17.14 13.38 -19.19
N VAL A 52 -17.63 14.04 -18.15
CA VAL A 52 -19.04 14.42 -18.05
C VAL A 52 -19.46 15.32 -19.22
N LYS A 53 -18.62 16.30 -19.57
CA LYS A 53 -18.92 17.25 -20.66
C LYS A 53 -18.90 16.59 -22.04
N ALA A 54 -17.99 15.64 -22.24
CA ALA A 54 -17.88 14.86 -23.49
C ALA A 54 -19.09 13.97 -23.75
N VAL A 55 -19.61 13.35 -22.68
CA VAL A 55 -20.86 12.59 -22.71
C VAL A 55 -22.08 13.51 -23.01
N ALA A 56 -22.13 14.68 -22.38
CA ALA A 56 -23.13 15.69 -22.72
C ALA A 56 -23.02 16.13 -24.19
N ARG A 57 -21.78 16.26 -24.69
CA ARG A 57 -21.49 16.63 -26.10
C ARG A 57 -21.98 15.56 -27.08
N VAL A 58 -21.90 14.29 -26.68
CA VAL A 58 -22.41 13.15 -27.47
C VAL A 58 -23.94 13.07 -27.44
N ALA A 59 -24.54 13.32 -26.28
CA ALA A 59 -26.00 13.30 -26.09
C ALA A 59 -26.75 14.42 -26.85
N GLU A 60 -26.16 15.62 -26.87
CA GLU A 60 -26.75 16.77 -27.53
C GLU A 60 -26.62 16.73 -29.04
N SER A 61 -25.55 16.11 -29.55
CA SER A 61 -25.26 16.07 -30.98
C SER A 61 -25.99 14.92 -31.69
N GLY A 62 -27.31 14.86 -31.49
CA GLY A 62 -28.20 13.89 -32.12
C GLY A 62 -27.85 12.43 -31.93
N GLY A 63 -27.16 12.12 -30.82
CA GLY A 63 -26.74 10.74 -30.45
C GLY A 63 -25.59 10.14 -31.26
N GLY A 64 -25.70 10.24 -32.61
CA GLY A 64 -24.70 9.76 -33.58
C GLY A 64 -24.35 8.31 -33.40
N ARG A 65 -23.06 8.01 -33.46
CA ARG A 65 -22.54 6.65 -33.21
C ARG A 65 -22.02 6.46 -31.78
N GLY A 66 -22.33 7.42 -30.91
CA GLY A 66 -22.21 7.27 -29.46
C GLY A 66 -20.82 7.26 -28.83
N ALA A 67 -20.73 6.63 -27.65
CA ALA A 67 -19.53 6.62 -26.82
C ALA A 67 -19.40 5.31 -26.06
N ILE A 68 -18.16 4.85 -25.85
CA ILE A 68 -17.90 3.71 -24.98
C ILE A 68 -16.66 3.96 -24.09
N ALA A 69 -16.71 3.45 -22.85
CA ALA A 69 -15.53 3.44 -21.99
C ALA A 69 -14.52 2.38 -22.43
N ARG A 70 -13.24 2.70 -22.26
CA ARG A 70 -12.16 1.74 -22.46
C ARG A 70 -11.29 1.66 -21.20
N GLY A 71 -10.87 0.45 -20.84
CA GLY A 71 -9.95 0.21 -19.73
C GLY A 71 -8.53 0.02 -20.23
N LEU A 72 -7.93 -1.11 -19.88
CA LEU A 72 -6.57 -1.39 -20.32
C LEU A 72 -6.47 -2.11 -21.68
N GLY A 73 -7.63 -2.30 -22.32
CA GLY A 73 -7.75 -2.96 -23.64
C GLY A 73 -7.41 -4.45 -23.61
N ARG A 74 -7.65 -5.12 -22.49
CA ARG A 74 -7.32 -6.53 -22.37
C ARG A 74 -8.41 -7.47 -22.85
N SER A 75 -9.60 -6.95 -23.14
CA SER A 75 -10.64 -7.74 -23.83
C SER A 75 -10.13 -8.11 -25.20
N TYR A 76 -10.26 -9.39 -25.57
CA TYR A 76 -9.97 -9.84 -26.93
C TYR A 76 -11.00 -9.34 -27.94
N GLY A 77 -12.26 -9.23 -27.48
CA GLY A 77 -13.35 -8.70 -28.26
C GLY A 77 -13.27 -7.28 -28.76
N ASP A 78 -14.42 -6.81 -29.26
CA ASP A 78 -14.64 -5.47 -29.77
C ASP A 78 -15.54 -4.67 -28.84
N ASN A 79 -15.68 -5.12 -27.58
CA ASN A 79 -16.49 -4.39 -26.59
C ASN A 79 -15.96 -3.02 -26.13
N ALA A 80 -14.64 -2.78 -26.33
CA ALA A 80 -13.97 -1.50 -25.95
C ALA A 80 -13.51 -0.73 -27.16
N GLN A 81 -14.26 -0.83 -28.25
CA GLN A 81 -14.10 0.04 -29.41
C GLN A 81 -15.41 0.45 -30.01
N ASN A 82 -15.37 1.57 -30.73
CA ASN A 82 -16.57 2.21 -31.22
C ASN A 82 -16.23 2.97 -32.50
N GLY A 83 -15.97 2.23 -33.57
CA GLY A 83 -15.68 2.79 -34.90
C GLY A 83 -16.57 3.97 -35.25
N GLY A 84 -15.95 5.09 -35.61
CA GLY A 84 -16.67 6.31 -35.95
C GLY A 84 -17.36 7.05 -34.81
N GLY A 85 -17.10 6.63 -33.58
CA GLY A 85 -17.68 7.27 -32.38
C GLY A 85 -16.62 7.64 -31.36
N LEU A 86 -17.05 7.93 -30.14
CA LEU A 86 -16.11 8.31 -29.08
C LEU A 86 -15.73 7.13 -28.19
N VAL A 87 -14.42 7.00 -27.93
CA VAL A 87 -13.90 6.04 -26.94
C VAL A 87 -13.25 6.85 -25.81
N ILE A 88 -13.72 6.64 -24.59
CA ILE A 88 -13.16 7.33 -23.42
C ILE A 88 -12.17 6.43 -22.69
N ASP A 89 -10.89 6.78 -22.78
CA ASP A 89 -9.83 6.04 -22.09
C ASP A 89 -9.86 6.39 -20.61
N MET A 90 -10.15 5.39 -19.80
CA MET A 90 -10.42 5.57 -18.36
C MET A 90 -9.20 5.45 -17.45
N THR A 91 -8.09 4.94 -17.99
CA THR A 91 -6.88 4.68 -17.20
C THR A 91 -6.23 5.90 -16.49
N PRO A 92 -6.41 7.15 -16.98
CA PRO A 92 -5.89 8.23 -16.11
C PRO A 92 -6.74 8.49 -14.84
N LEU A 93 -7.98 8.00 -14.78
CA LEU A 93 -8.76 8.07 -13.52
C LEU A 93 -8.38 6.93 -12.61
N ASN A 94 -7.26 7.09 -11.92
CA ASN A 94 -6.66 5.97 -11.17
C ASN A 94 -6.31 6.26 -9.70
N THR A 95 -7.06 7.15 -9.07
CA THR A 95 -6.94 7.41 -7.65
C THR A 95 -7.49 6.27 -6.77
N ILE A 96 -6.63 5.77 -5.88
CA ILE A 96 -7.11 5.03 -4.73
C ILE A 96 -7.51 6.05 -3.66
N HIS A 97 -8.82 6.15 -3.41
CA HIS A 97 -9.34 7.14 -2.45
C HIS A 97 -9.17 6.72 -1.00
N SER A 98 -9.50 5.47 -0.67
CA SER A 98 -9.34 4.97 0.67
C SER A 98 -9.34 3.46 0.73
N ILE A 99 -8.64 2.93 1.74
CA ILE A 99 -8.65 1.52 2.10
C ILE A 99 -8.85 1.49 3.63
N ASP A 100 -9.68 0.57 4.09
CA ASP A 100 -10.02 0.45 5.50
C ASP A 100 -9.95 -1.03 5.88
N ALA A 101 -9.06 -1.38 6.80
CA ALA A 101 -8.85 -2.78 7.16
C ALA A 101 -10.01 -3.34 8.02
N ASP A 102 -10.70 -2.47 8.76
CA ASP A 102 -11.77 -2.87 9.65
C ASP A 102 -13.03 -3.29 8.89
N THR A 103 -13.48 -2.44 7.97
CA THR A 103 -14.63 -2.72 7.09
C THR A 103 -14.29 -3.54 5.86
N LYS A 104 -13.00 -3.71 5.58
CA LYS A 104 -12.50 -4.41 4.38
C LYS A 104 -12.87 -3.74 3.05
N LEU A 105 -13.19 -2.46 3.11
CA LEU A 105 -13.62 -1.67 1.95
C LEU A 105 -12.53 -0.83 1.34
N VAL A 106 -12.42 -0.90 0.01
CA VAL A 106 -11.56 -0.01 -0.75
C VAL A 106 -12.47 0.83 -1.66
N ASP A 107 -12.13 2.11 -1.78
CA ASP A 107 -12.87 3.07 -2.56
C ASP A 107 -11.92 3.62 -3.64
N ILE A 108 -12.19 3.23 -4.89
CA ILE A 108 -11.28 3.49 -6.00
C ILE A 108 -11.96 4.06 -7.24
N ASP A 109 -11.22 4.88 -7.98
CA ASP A 109 -11.59 5.30 -9.32
C ASP A 109 -11.58 4.11 -10.27
N ALA A 110 -12.43 4.15 -11.29
CA ALA A 110 -12.62 2.97 -12.17
C ALA A 110 -11.41 2.65 -13.03
N GLY A 111 -10.50 3.60 -13.20
CA GLY A 111 -9.26 3.35 -13.93
C GLY A 111 -8.17 2.66 -13.14
N VAL A 112 -8.39 2.42 -11.86
CA VAL A 112 -7.39 1.74 -11.05
C VAL A 112 -7.28 0.33 -11.58
N ASN A 113 -6.06 -0.14 -11.80
CA ASN A 113 -5.87 -1.50 -12.22
C ASN A 113 -5.68 -2.48 -11.05
N LEU A 114 -5.93 -3.76 -11.30
CA LEU A 114 -5.89 -4.74 -10.24
C LEU A 114 -4.50 -5.05 -9.71
N ASP A 115 -3.44 -4.75 -10.46
CA ASP A 115 -2.10 -4.89 -9.94
C ASP A 115 -1.80 -3.78 -8.91
N GLN A 116 -2.18 -2.54 -9.24
CA GLN A 116 -2.02 -1.38 -8.42
C GLN A 116 -2.84 -1.57 -7.13
N LEU A 117 -4.07 -2.07 -7.27
CA LEU A 117 -4.93 -2.28 -6.12
C LEU A 117 -4.32 -3.35 -5.21
N MET A 118 -3.91 -4.46 -5.82
CA MET A 118 -3.34 -5.55 -5.09
C MET A 118 -2.17 -5.09 -4.19
N LYS A 119 -1.27 -4.29 -4.73
CA LYS A 119 -0.13 -3.81 -4.00
C LYS A 119 -0.47 -2.79 -2.88
N ALA A 120 -1.43 -1.90 -3.15
CA ALA A 120 -1.87 -0.92 -2.21
C ALA A 120 -2.57 -1.60 -1.03
N ALA A 121 -3.24 -2.72 -1.29
CA ALA A 121 -4.10 -3.32 -0.28
C ALA A 121 -3.43 -4.33 0.66
N LEU A 122 -2.43 -5.05 0.14
CA LEU A 122 -1.68 -6.04 0.93
C LEU A 122 -1.23 -5.53 2.30
N PRO A 123 -0.69 -4.29 2.41
CA PRO A 123 -0.19 -3.94 3.77
C PRO A 123 -1.30 -3.78 4.77
N PHE A 124 -2.54 -3.89 4.34
CA PHE A 124 -3.70 -3.78 5.23
C PHE A 124 -4.22 -5.17 5.58
N GLY A 125 -3.55 -6.22 5.12
CA GLY A 125 -4.08 -7.58 5.17
C GLY A 125 -5.30 -7.79 4.29
N LEU A 126 -5.35 -7.12 3.14
CA LEU A 126 -6.51 -7.30 2.25
C LEU A 126 -6.14 -7.86 0.89
N TRP A 127 -6.94 -8.82 0.40
CA TRP A 127 -6.71 -9.51 -0.88
C TRP A 127 -7.84 -9.16 -1.86
N VAL A 128 -7.48 -8.85 -3.10
CA VAL A 128 -8.44 -8.58 -4.21
C VAL A 128 -9.25 -9.85 -4.34
N PRO A 129 -10.58 -9.76 -4.22
CA PRO A 129 -11.33 -11.01 -4.01
C PRO A 129 -11.54 -11.90 -5.25
N VAL A 130 -11.35 -11.34 -6.44
CA VAL A 130 -11.41 -12.13 -7.67
C VAL A 130 -10.25 -11.61 -8.54
N LEU A 131 -9.23 -12.43 -8.74
CA LEU A 131 -8.18 -12.07 -9.71
C LEU A 131 -8.36 -12.88 -10.99
N PRO A 132 -8.32 -12.23 -12.15
CA PRO A 132 -8.27 -13.04 -13.37
C PRO A 132 -6.81 -13.51 -13.69
N GLY A 133 -6.60 -14.18 -14.80
CA GLY A 133 -5.25 -14.61 -15.18
C GLY A 133 -4.18 -13.55 -15.48
N THR A 134 -4.59 -12.30 -15.61
CA THR A 134 -3.67 -11.15 -15.68
C THR A 134 -4.09 -10.14 -14.59
N ARG A 135 -3.21 -9.20 -14.24
CA ARG A 135 -3.55 -8.18 -13.26
C ARG A 135 -3.71 -6.87 -13.95
N GLN A 136 -3.33 -6.85 -15.22
CA GLN A 136 -3.40 -5.66 -16.04
C GLN A 136 -4.82 -5.48 -16.57
N VAL A 137 -5.71 -5.15 -15.65
CA VAL A 137 -7.15 -5.06 -15.91
C VAL A 137 -7.66 -3.94 -15.03
N THR A 138 -8.47 -3.01 -15.57
CA THR A 138 -9.07 -1.95 -14.74
C THR A 138 -10.22 -2.47 -13.88
N VAL A 139 -10.54 -1.79 -12.76
CA VAL A 139 -11.76 -2.07 -11.98
C VAL A 139 -13.02 -1.91 -12.86
N GLY A 140 -13.05 -0.85 -13.68
CA GLY A 140 -14.15 -0.65 -14.64
C GLY A 140 -14.37 -1.87 -15.54
N GLY A 141 -13.30 -2.34 -16.19
CA GLY A 141 -13.34 -3.54 -17.04
C GLY A 141 -13.68 -4.83 -16.28
N ALA A 142 -13.28 -4.91 -15.02
CA ALA A 142 -13.53 -6.07 -14.19
C ALA A 142 -15.00 -6.13 -13.84
N ILE A 143 -15.62 -4.97 -13.68
CA ILE A 143 -17.06 -4.94 -13.40
C ILE A 143 -17.91 -5.21 -14.67
N ALA A 144 -17.51 -4.53 -15.74
CA ALA A 144 -18.29 -4.50 -16.96
C ALA A 144 -18.23 -5.85 -17.67
N CYS A 145 -17.15 -6.62 -17.49
CA CYS A 145 -17.09 -8.00 -18.02
C CYS A 145 -17.43 -9.04 -16.96
N ASP A 146 -17.77 -8.57 -15.75
CA ASP A 146 -18.03 -9.42 -14.56
C ASP A 146 -17.04 -10.60 -14.39
N ILE A 147 -15.76 -10.26 -14.27
CA ILE A 147 -14.69 -11.23 -14.44
C ILE A 147 -14.68 -12.31 -13.37
N HIS A 148 -14.04 -13.42 -13.74
CA HIS A 148 -13.99 -14.56 -12.84
C HIS A 148 -12.54 -14.99 -12.76
N GLY A 149 -12.25 -15.96 -11.92
CA GLY A 149 -10.88 -16.47 -11.87
C GLY A 149 -10.86 -17.84 -11.24
N LYS A 150 -9.69 -18.19 -10.75
CA LYS A 150 -9.35 -19.46 -10.19
C LYS A 150 -10.19 -19.82 -8.94
N ASN A 151 -10.76 -18.79 -8.31
CA ASN A 151 -11.57 -19.03 -7.14
C ASN A 151 -13.08 -18.90 -7.32
N HIS A 152 -13.56 -18.97 -8.58
CA HIS A 152 -14.96 -18.76 -8.86
C HIS A 152 -15.89 -19.66 -8.05
N HIS A 153 -15.57 -20.94 -7.94
CA HIS A 153 -16.44 -21.87 -7.21
C HIS A 153 -16.57 -21.53 -5.71
N SER A 154 -15.68 -20.68 -5.19
CA SER A 154 -15.80 -20.28 -3.78
C SER A 154 -16.11 -18.80 -3.55
N ALA A 155 -15.69 -17.92 -4.48
CA ALA A 155 -15.90 -16.46 -4.32
C ALA A 155 -16.90 -15.86 -5.34
N GLY A 156 -17.33 -16.66 -6.31
CA GLY A 156 -18.13 -16.15 -7.45
C GLY A 156 -17.29 -15.23 -8.32
N SER A 157 -17.93 -14.30 -8.99
CA SER A 157 -17.24 -13.40 -9.86
C SER A 157 -17.11 -11.99 -9.27
N PHE A 158 -16.44 -11.09 -9.98
CA PHE A 158 -16.09 -9.77 -9.48
C PHE A 158 -17.28 -8.98 -8.92
N GLY A 159 -18.38 -8.99 -9.66
CA GLY A 159 -19.55 -8.22 -9.30
C GLY A 159 -20.16 -8.58 -7.96
N ASN A 160 -19.99 -9.82 -7.49
CA ASN A 160 -20.42 -10.25 -6.14
C ASN A 160 -19.77 -9.44 -5.03
N HIS A 161 -18.65 -8.77 -5.32
CA HIS A 161 -17.88 -8.13 -4.26
C HIS A 161 -17.96 -6.60 -4.32
N VAL A 162 -18.75 -6.08 -5.26
CA VAL A 162 -18.91 -4.64 -5.43
C VAL A 162 -20.03 -4.20 -4.46
N ARG A 163 -19.72 -3.27 -3.56
CA ARG A 163 -20.72 -2.79 -2.59
C ARG A 163 -21.45 -1.57 -3.10
N SER A 164 -20.80 -0.80 -3.97
CA SER A 164 -21.44 0.37 -4.58
C SER A 164 -20.64 0.78 -5.82
N MET A 165 -21.28 1.48 -6.74
CA MET A 165 -20.58 2.12 -7.82
C MET A 165 -21.25 3.43 -8.22
N ASP A 166 -20.47 4.33 -8.81
CA ASP A 166 -20.98 5.56 -9.35
C ASP A 166 -20.98 5.49 -10.90
N LEU A 167 -22.18 5.59 -11.49
CA LEU A 167 -22.38 5.42 -12.92
C LEU A 167 -22.80 6.70 -13.60
N LEU A 168 -21.96 7.15 -14.51
CA LEU A 168 -22.30 8.25 -15.36
C LEU A 168 -23.28 7.76 -16.46
N THR A 169 -24.52 8.24 -16.38
CA THR A 169 -25.56 7.85 -17.35
C THR A 169 -25.73 8.92 -18.43
N ALA A 170 -26.43 8.53 -19.50
CA ALA A 170 -26.70 9.37 -20.68
C ALA A 170 -27.21 10.80 -20.43
N ASP A 171 -28.12 10.95 -19.48
CA ASP A 171 -28.65 12.25 -19.02
C ASP A 171 -27.61 13.18 -18.32
N GLY A 172 -26.40 12.70 -18.11
CA GLY A 172 -25.34 13.49 -17.49
C GLY A 172 -25.31 13.43 -15.96
N GLU A 173 -26.23 12.68 -15.36
CA GLU A 173 -26.20 12.46 -13.91
C GLU A 173 -25.32 11.27 -13.53
N ILE A 174 -24.68 11.37 -12.37
CA ILE A 174 -23.89 10.31 -11.80
C ILE A 174 -24.75 9.60 -10.75
N ARG A 175 -25.08 8.34 -11.02
CA ARG A 175 -25.97 7.56 -10.17
C ARG A 175 -25.17 6.69 -9.19
N HIS A 176 -25.57 6.70 -7.93
CA HIS A 176 -24.97 5.86 -6.90
C HIS A 176 -25.76 4.54 -6.79
N LEU A 177 -25.13 3.43 -7.14
CA LEU A 177 -25.83 2.16 -7.27
C LEU A 177 -25.36 1.20 -6.22
N THR A 178 -26.27 0.40 -5.69
CA THR A 178 -25.95 -0.68 -4.75
C THR A 178 -26.64 -1.99 -5.16
N PRO A 179 -26.07 -3.15 -4.76
CA PRO A 179 -26.65 -4.42 -5.18
C PRO A 179 -28.03 -4.74 -4.61
N THR A 180 -28.39 -4.12 -3.49
CA THR A 180 -29.75 -4.24 -2.93
C THR A 180 -30.39 -2.85 -2.85
N GLY A 181 -31.63 -2.74 -2.42
CA GLY A 181 -32.32 -1.43 -2.48
C GLY A 181 -32.64 -0.95 -3.89
N GLU A 182 -33.12 0.30 -4.05
CA GLU A 182 -33.53 0.84 -5.38
C GLU A 182 -32.30 0.94 -6.27
N ASP A 183 -32.52 0.97 -7.57
CA ASP A 183 -31.42 0.89 -8.54
C ASP A 183 -30.62 -0.41 -8.57
N ALA A 184 -31.05 -1.42 -7.80
CA ALA A 184 -30.47 -2.77 -7.88
C ALA A 184 -30.48 -3.33 -9.31
N GLU A 185 -31.60 -3.16 -10.01
CA GLU A 185 -31.79 -3.66 -11.35
C GLU A 185 -30.72 -3.09 -12.30
N LEU A 186 -30.50 -1.78 -12.21
CA LEU A 186 -29.50 -1.10 -12.99
C LEU A 186 -28.07 -1.49 -12.55
N PHE A 187 -27.84 -1.61 -11.23
CA PHE A 187 -26.58 -2.16 -10.72
C PHE A 187 -26.27 -3.51 -11.42
N TRP A 188 -27.24 -4.41 -11.40
CA TRP A 188 -27.06 -5.76 -11.92
C TRP A 188 -27.01 -5.85 -13.47
N ALA A 189 -27.50 -4.81 -14.14
CA ALA A 189 -27.36 -4.65 -15.57
C ALA A 189 -25.97 -4.11 -15.95
N THR A 190 -25.34 -3.35 -15.05
CA THR A 190 -24.03 -2.77 -15.26
C THR A 190 -22.96 -3.83 -15.07
N VAL A 191 -23.16 -4.70 -14.09
CA VAL A 191 -22.26 -5.85 -13.87
C VAL A 191 -22.43 -6.73 -15.11
N GLY A 192 -21.35 -6.95 -15.87
CA GLY A 192 -21.41 -7.76 -17.08
C GLY A 192 -22.04 -7.03 -18.26
N GLY A 193 -22.31 -5.74 -18.08
CA GLY A 193 -22.95 -4.95 -19.11
C GLY A 193 -22.06 -4.43 -20.22
N ASN A 194 -20.77 -4.72 -20.16
CA ASN A 194 -19.81 -4.35 -21.21
C ASN A 194 -19.82 -2.87 -21.55
N GLY A 195 -20.00 -2.02 -20.53
CA GLY A 195 -20.02 -0.56 -20.72
C GLY A 195 -21.31 0.06 -21.23
N LEU A 196 -22.32 -0.77 -21.46
CA LEU A 196 -23.53 -0.28 -22.19
C LEU A 196 -24.62 0.41 -21.36
N THR A 197 -24.36 0.61 -20.06
CA THR A 197 -25.30 1.38 -19.20
C THR A 197 -24.73 2.75 -18.82
N GLY A 198 -23.48 2.97 -19.23
CA GLY A 198 -22.77 4.21 -19.01
C GLY A 198 -21.38 3.95 -18.43
N ILE A 199 -20.75 5.01 -17.94
CA ILE A 199 -19.36 4.93 -17.51
C ILE A 199 -19.28 4.81 -16.00
N ILE A 200 -18.66 3.73 -15.55
CA ILE A 200 -18.36 3.52 -14.13
C ILE A 200 -17.19 4.47 -13.77
N MET A 201 -17.45 5.40 -12.87
CA MET A 201 -16.46 6.39 -12.46
C MET A 201 -15.67 5.94 -11.23
N ARG A 202 -16.35 5.21 -10.35
CA ARG A 202 -15.90 4.99 -8.99
C ARG A 202 -16.68 3.81 -8.41
N ALA A 203 -16.02 3.04 -7.54
CA ALA A 203 -16.64 1.90 -6.94
C ALA A 203 -16.07 1.63 -5.57
N THR A 204 -16.85 0.95 -4.74
CA THR A 204 -16.40 0.46 -3.46
C THR A 204 -16.47 -1.03 -3.56
N ILE A 205 -15.39 -1.70 -3.18
CA ILE A 205 -15.24 -3.14 -3.25
C ILE A 205 -14.97 -3.64 -1.84
N GLU A 206 -15.63 -4.75 -1.47
CA GLU A 206 -15.28 -5.52 -0.28
C GLU A 206 -14.17 -6.53 -0.55
N MET A 207 -13.06 -6.36 0.16
CA MET A 207 -11.88 -7.22 -0.01
C MET A 207 -11.98 -8.48 0.84
N THR A 208 -11.13 -9.46 0.54
CA THR A 208 -11.03 -10.67 1.33
C THR A 208 -9.87 -10.44 2.35
N PRO A 209 -10.13 -10.68 3.65
CA PRO A 209 -8.99 -10.57 4.62
C PRO A 209 -7.99 -11.72 4.43
N THR A 210 -6.71 -11.39 4.54
CA THR A 210 -5.64 -12.39 4.43
C THR A 210 -4.55 -11.98 5.39
N SER A 211 -3.86 -12.98 5.96
CA SER A 211 -2.73 -12.66 6.77
C SER A 211 -1.40 -12.89 6.02
N THR A 212 -1.45 -13.39 4.78
CA THR A 212 -0.24 -13.54 3.97
C THR A 212 -0.46 -13.31 2.47
N ALA A 213 0.64 -13.06 1.75
CA ALA A 213 0.64 -12.94 0.29
C ALA A 213 0.87 -14.30 -0.43
N TYR A 214 0.65 -15.40 0.28
CA TYR A 214 1.11 -16.69 -0.19
C TYR A 214 -0.02 -17.71 -0.25
N PHE A 215 0.21 -18.75 -1.03
CA PHE A 215 -0.70 -19.86 -1.15
C PHE A 215 -0.06 -21.14 -0.63
N ILE A 216 -0.92 -22.04 -0.14
CA ILE A 216 -0.57 -23.43 0.10
C ILE A 216 -1.21 -24.24 -1.03
N ALA A 217 -0.41 -24.96 -1.83
CA ALA A 217 -0.92 -25.58 -3.07
C ALA A 217 -0.73 -27.09 -3.15
N ASP A 218 -1.74 -27.75 -3.70
CA ASP A 218 -1.64 -29.17 -4.05
C ASP A 218 -1.69 -29.25 -5.54
N GLY A 219 -0.91 -30.18 -6.10
CA GLY A 219 -0.88 -30.42 -7.55
C GLY A 219 -1.23 -31.85 -7.82
N ASP A 220 -2.07 -32.07 -8.82
CA ASP A 220 -2.46 -33.42 -9.21
C ASP A 220 -2.42 -33.54 -10.72
N VAL A 221 -2.18 -34.74 -11.20
CA VAL A 221 -2.03 -35.01 -12.63
C VAL A 221 -2.92 -36.21 -12.94
N THR A 222 -3.74 -36.05 -13.99
CA THR A 222 -4.65 -37.10 -14.46
C THR A 222 -4.15 -37.58 -15.80
N ALA A 223 -4.53 -38.81 -16.17
CA ALA A 223 -4.09 -39.47 -17.41
C ALA A 223 -5.17 -39.40 -18.50
N SER A 224 -6.35 -38.88 -18.16
CA SER A 224 -7.51 -38.92 -19.06
C SER A 224 -8.55 -37.86 -18.71
N LEU A 225 -9.37 -37.51 -19.71
CA LEU A 225 -10.56 -36.68 -19.51
C LEU A 225 -11.51 -37.22 -18.44
N ASP A 226 -11.79 -38.54 -18.48
CA ASP A 226 -12.66 -39.23 -17.51
C ASP A 226 -12.14 -38.99 -16.10
N GLU A 227 -10.83 -39.07 -15.94
CA GLU A 227 -10.16 -38.83 -14.63
C GLU A 227 -10.29 -37.37 -14.20
N THR A 228 -10.00 -36.46 -15.12
CA THR A 228 -10.14 -35.03 -14.89
C THR A 228 -11.54 -34.67 -14.36
N ILE A 229 -12.58 -35.18 -15.02
CA ILE A 229 -13.96 -34.98 -14.58
C ILE A 229 -14.22 -35.61 -13.23
N ALA A 230 -13.82 -36.88 -13.06
CA ALA A 230 -13.95 -37.63 -11.78
C ALA A 230 -13.34 -36.87 -10.61
N LEU A 231 -12.07 -36.46 -10.77
CA LEU A 231 -11.36 -35.60 -9.81
C LEU A 231 -12.12 -34.32 -9.43
N HIS A 232 -12.83 -33.74 -10.40
CA HIS A 232 -13.58 -32.49 -10.18
C HIS A 232 -14.99 -32.69 -9.64
N SER A 233 -15.48 -33.93 -9.59
CA SER A 233 -16.83 -34.17 -9.05
C SER A 233 -16.88 -35.21 -7.92
N ASP A 234 -15.72 -35.44 -7.28
CA ASP A 234 -15.59 -36.40 -6.18
C ASP A 234 -15.73 -35.79 -4.76
N GLY A 235 -15.87 -34.47 -4.69
CA GLY A 235 -15.98 -33.76 -3.42
C GLY A 235 -14.77 -32.91 -3.05
N SER A 236 -13.59 -33.31 -3.51
CA SER A 236 -12.31 -32.66 -3.17
C SER A 236 -12.25 -31.16 -3.50
N GLU A 237 -13.11 -30.71 -4.41
CA GLU A 237 -13.15 -29.29 -4.81
C GLU A 237 -13.56 -28.36 -3.62
N ALA A 238 -14.39 -28.89 -2.72
CA ALA A 238 -14.78 -28.19 -1.48
C ALA A 238 -13.61 -27.84 -0.53
N ARG A 239 -12.51 -28.59 -0.63
CA ARG A 239 -11.31 -28.41 0.25
C ARG A 239 -10.45 -27.22 -0.16
N TYR A 240 -10.68 -26.68 -1.36
CA TYR A 240 -9.79 -25.68 -1.94
C TYR A 240 -10.59 -24.46 -2.33
N THR A 241 -10.06 -23.27 -2.05
CA THR A 241 -10.75 -22.04 -2.46
C THR A 241 -10.38 -21.68 -3.89
N TYR A 242 -9.21 -22.11 -4.35
CA TYR A 242 -8.66 -21.82 -5.69
C TYR A 242 -8.38 -23.12 -6.46
N SER A 243 -8.88 -23.26 -7.68
CA SER A 243 -8.71 -24.47 -8.47
C SER A 243 -8.75 -24.21 -9.98
N SER A 244 -7.77 -24.73 -10.72
CA SER A 244 -7.79 -24.72 -12.22
C SER A 244 -6.81 -25.71 -12.81
N ALA A 245 -6.90 -25.95 -14.12
CA ALA A 245 -6.10 -27.00 -14.71
C ALA A 245 -5.60 -26.61 -16.09
N TRP A 246 -4.41 -27.08 -16.46
CA TRP A 246 -4.03 -27.06 -17.87
C TRP A 246 -4.36 -28.43 -18.44
N PHE A 247 -5.16 -28.49 -19.50
CA PHE A 247 -5.52 -29.79 -20.09
C PHE A 247 -5.00 -30.01 -21.49
N ASP A 248 -4.74 -31.28 -21.84
CA ASP A 248 -4.33 -31.65 -23.20
C ASP A 248 -5.55 -31.63 -24.19
N ALA A 249 -5.47 -30.78 -25.21
CA ALA A 249 -6.51 -30.65 -26.28
C ALA A 249 -6.14 -31.23 -27.67
N ILE A 250 -4.93 -31.81 -27.77
CA ILE A 250 -4.36 -32.32 -29.00
C ILE A 250 -4.33 -33.87 -29.07
N SER A 251 -3.87 -34.53 -28.01
CA SER A 251 -3.77 -36.01 -27.99
C SER A 251 -5.07 -36.74 -28.34
N ALA A 252 -4.92 -37.91 -28.97
CA ALA A 252 -6.02 -38.82 -29.24
C ALA A 252 -6.63 -39.26 -27.91
N PRO A 253 -7.93 -39.66 -27.90
CA PRO A 253 -8.45 -40.35 -26.70
C PRO A 253 -7.76 -41.72 -26.55
N PRO A 254 -7.50 -42.20 -25.33
CA PRO A 254 -7.97 -41.58 -24.07
C PRO A 254 -6.98 -40.67 -23.33
N LYS A 255 -5.82 -40.37 -23.92
CA LYS A 255 -4.92 -39.34 -23.38
C LYS A 255 -5.60 -37.96 -23.36
N LEU A 256 -6.41 -37.67 -24.39
CA LEU A 256 -7.13 -36.41 -24.51
C LEU A 256 -7.81 -35.96 -23.21
N GLY A 257 -7.58 -34.70 -22.82
CA GLY A 257 -8.23 -34.11 -21.64
C GLY A 257 -7.55 -34.47 -20.32
N ARG A 258 -6.37 -35.11 -20.41
CA ARG A 258 -5.51 -35.30 -19.26
C ARG A 258 -5.03 -33.92 -18.84
N ALA A 259 -4.78 -33.73 -17.54
CA ALA A 259 -4.63 -32.39 -17.01
C ALA A 259 -3.59 -32.28 -15.92
N ALA A 260 -2.93 -31.12 -15.84
CA ALA A 260 -2.13 -30.70 -14.65
C ALA A 260 -3.03 -29.80 -13.81
N VAL A 261 -3.47 -30.32 -12.67
CA VAL A 261 -4.41 -29.62 -11.81
C VAL A 261 -3.63 -28.96 -10.66
N SER A 262 -3.94 -27.69 -10.43
CA SER A 262 -3.32 -26.88 -9.41
C SER A 262 -4.40 -26.26 -8.50
N ARG A 263 -4.41 -26.67 -7.24
CA ARG A 263 -5.47 -26.29 -6.30
C ARG A 263 -4.87 -25.84 -4.99
N GLY A 264 -5.43 -24.81 -4.41
CA GLY A 264 -4.93 -24.33 -3.11
C GLY A 264 -5.80 -23.35 -2.35
N ARG A 265 -5.20 -22.71 -1.35
CA ARG A 265 -5.83 -21.66 -0.57
C ARG A 265 -4.76 -20.70 -0.01
N LEU A 266 -5.19 -19.50 0.37
CA LEU A 266 -4.31 -18.53 1.01
C LEU A 266 -3.72 -19.12 2.29
N ALA A 267 -2.41 -18.97 2.43
CA ALA A 267 -1.69 -19.43 3.63
C ALA A 267 -1.93 -18.49 4.80
N THR A 268 -1.94 -19.06 6.00
CA THR A 268 -1.87 -18.28 7.26
C THR A 268 -0.40 -18.17 7.63
N VAL A 269 -0.10 -17.27 8.57
CA VAL A 269 1.26 -16.99 8.99
C VAL A 269 1.99 -18.25 9.51
N GLU A 270 1.27 -19.09 10.28
CA GLU A 270 1.84 -20.26 10.93
C GLU A 270 2.22 -21.37 9.93
N GLN A 271 1.75 -21.24 8.68
CA GLN A 271 2.05 -22.23 7.65
C GLN A 271 3.24 -21.85 6.79
N LEU A 272 3.84 -20.70 7.07
CA LEU A 272 4.97 -20.23 6.29
C LEU A 272 6.25 -20.70 6.90
N PRO A 273 7.25 -21.04 6.07
CA PRO A 273 8.61 -21.27 6.59
C PRO A 273 9.12 -19.99 7.26
N ALA A 274 9.93 -20.15 8.28
CA ALA A 274 10.40 -19.09 9.19
C ALA A 274 10.94 -17.83 8.50
N LYS A 275 11.73 -18.03 7.44
CA LYS A 275 12.26 -16.95 6.59
C LYS A 275 11.18 -15.91 6.26
N LEU A 276 10.05 -16.39 5.75
CA LEU A 276 8.92 -15.57 5.30
C LEU A 276 7.99 -14.97 6.37
N ARG A 277 8.10 -15.44 7.62
CA ARG A 277 7.20 -15.00 8.68
C ARG A 277 7.34 -13.55 9.14
N SER A 278 8.50 -12.95 8.89
CA SER A 278 8.75 -11.55 9.25
C SER A 278 8.09 -10.53 8.27
N GLU A 279 7.99 -10.92 6.99
CA GLU A 279 7.27 -10.12 5.96
C GLU A 279 6.23 -11.01 5.30
N PRO A 280 5.19 -11.41 6.05
CA PRO A 280 4.22 -12.37 5.49
C PRO A 280 3.35 -11.81 4.34
N LEU A 281 3.25 -10.49 4.26
CA LEU A 281 2.44 -9.79 3.27
C LEU A 281 3.24 -9.12 2.14
N LYS A 282 4.53 -9.42 2.05
CA LYS A 282 5.39 -8.91 0.98
C LYS A 282 5.09 -9.61 -0.36
N PHE A 283 4.92 -8.80 -1.41
CA PHE A 283 4.94 -9.29 -2.77
C PHE A 283 6.06 -8.54 -3.51
N ASP A 284 7.21 -9.20 -3.69
CA ASP A 284 8.36 -8.63 -4.40
C ASP A 284 8.64 -9.43 -5.67
N ALA A 300 11.96 -28.45 -25.61
CA ALA A 300 12.19 -29.78 -26.17
C ALA A 300 13.56 -30.37 -25.75
N ASN A 301 13.65 -31.70 -25.81
CA ASN A 301 14.89 -32.50 -25.63
C ASN A 301 14.61 -33.97 -26.00
N LYS A 302 15.63 -34.84 -26.01
CA LYS A 302 15.44 -36.23 -26.49
C LYS A 302 14.49 -37.11 -25.64
N TYR A 303 14.24 -36.68 -24.42
CA TYR A 303 13.46 -37.41 -23.41
C TYR A 303 11.99 -36.99 -23.39
N THR A 304 11.72 -35.73 -23.75
CA THR A 304 10.43 -35.10 -23.49
C THR A 304 9.16 -35.74 -24.14
N PHE A 305 9.30 -36.47 -25.23
CA PHE A 305 8.09 -37.12 -25.75
C PHE A 305 8.04 -38.64 -25.55
N GLY A 306 8.89 -39.13 -24.65
CA GLY A 306 8.88 -40.52 -24.26
C GLY A 306 8.31 -40.82 -22.87
N PRO A 307 8.44 -42.11 -22.45
CA PRO A 307 7.96 -42.56 -21.14
C PRO A 307 8.56 -41.83 -19.91
N ILE A 308 9.93 -41.47 -20.11
CA ILE A 308 10.63 -40.78 -19.00
C ILE A 308 10.01 -39.41 -18.71
N GLY A 309 9.65 -38.67 -19.76
CA GLY A 309 9.06 -37.38 -19.51
C GLY A 309 7.62 -37.48 -19.03
N GLU A 310 6.90 -38.54 -19.43
CA GLU A 310 5.58 -38.84 -18.85
C GLU A 310 5.70 -38.95 -17.33
N LEU A 311 6.71 -39.73 -16.87
CA LEU A 311 7.04 -39.81 -15.44
C LEU A 311 7.48 -38.47 -14.85
N TRP A 312 8.37 -37.75 -15.57
CA TRP A 312 8.83 -36.40 -15.14
C TRP A 312 7.63 -35.51 -14.93
N TYR A 313 6.85 -35.28 -15.99
CA TYR A 313 5.64 -34.43 -15.89
C TYR A 313 4.68 -34.90 -14.78
N ARG A 314 4.49 -36.20 -14.58
CA ARG A 314 3.74 -36.70 -13.41
C ARG A 314 4.35 -36.34 -12.04
N LYS A 315 5.65 -36.60 -11.85
CA LYS A 315 6.33 -36.30 -10.59
C LYS A 315 6.24 -34.79 -10.38
N SER A 316 6.90 -34.04 -11.25
CA SER A 316 6.89 -32.56 -11.23
C SER A 316 5.52 -31.91 -10.99
N GLY A 317 4.44 -32.54 -11.46
CA GLY A 317 3.08 -32.00 -11.25
C GLY A 317 2.29 -32.56 -10.07
N THR A 318 2.91 -33.45 -9.30
CA THR A 318 2.27 -34.04 -8.12
C THR A 318 3.01 -33.56 -6.87
N TYR A 319 2.27 -32.92 -5.98
CA TYR A 319 2.83 -32.35 -4.76
C TYR A 319 1.71 -31.97 -3.80
N ARG A 320 2.09 -31.74 -2.54
CA ARG A 320 1.20 -31.39 -1.43
C ARG A 320 1.86 -30.31 -0.57
N GLY A 321 1.02 -29.37 -0.13
CA GLY A 321 1.42 -28.25 0.74
C GLY A 321 2.64 -27.45 0.32
N LYS A 322 2.81 -27.23 -0.99
CA LYS A 322 3.88 -26.36 -1.49
C LYS A 322 3.45 -24.93 -1.25
N VAL A 323 4.38 -24.14 -0.73
CA VAL A 323 4.19 -22.72 -0.49
C VAL A 323 4.58 -21.98 -1.75
N GLN A 324 3.66 -21.18 -2.25
CA GLN A 324 3.88 -20.43 -3.49
C GLN A 324 3.39 -18.98 -3.35
N ASN A 325 4.15 -18.05 -3.95
CA ASN A 325 3.64 -16.70 -4.15
C ASN A 325 2.67 -16.67 -5.32
N LEU A 326 2.08 -15.49 -5.53
CA LEU A 326 1.09 -15.24 -6.53
C LEU A 326 1.61 -15.55 -7.94
N THR A 327 2.80 -15.10 -8.27
CA THR A 327 3.48 -15.47 -9.52
C THR A 327 3.57 -17.00 -9.76
N GLN A 328 4.01 -17.74 -8.74
CA GLN A 328 4.17 -19.22 -8.87
C GLN A 328 2.84 -19.98 -8.96
N PHE A 329 1.86 -19.56 -8.16
CA PHE A 329 0.58 -20.23 -8.10
C PHE A 329 -0.34 -19.84 -9.26
N TYR A 330 -0.28 -18.57 -9.69
CA TYR A 330 -1.39 -17.96 -10.45
C TYR A 330 -0.95 -17.23 -11.71
N HIS A 331 0.01 -16.30 -11.60
CA HIS A 331 0.43 -15.47 -12.74
C HIS A 331 1.89 -15.71 -13.20
N PRO A 332 2.18 -16.81 -13.97
CA PRO A 332 3.58 -17.08 -14.38
C PRO A 332 4.03 -16.42 -15.70
N GLY A 347 -2.64 -13.29 -34.90
CA GLY A 347 -2.03 -14.60 -34.79
C GLY A 347 -2.99 -15.72 -34.36
N PHE A 348 -3.74 -15.47 -33.30
CA PHE A 348 -4.48 -16.50 -32.52
C PHE A 348 -5.93 -16.08 -32.24
N LEU A 349 -6.77 -17.05 -31.94
CA LEU A 349 -8.15 -16.77 -31.63
C LEU A 349 -8.50 -17.44 -30.33
N GLN A 350 -8.81 -16.62 -29.34
CA GLN A 350 -9.19 -17.11 -28.02
C GLN A 350 -10.66 -17.45 -28.08
N TYR A 351 -11.01 -18.58 -27.46
CA TYR A 351 -12.36 -19.06 -27.47
C TYR A 351 -12.65 -19.75 -26.15
N GLN A 352 -13.64 -19.23 -25.43
CA GLN A 352 -13.96 -19.68 -24.09
C GLN A 352 -15.46 -19.93 -23.93
N PHE A 353 -15.84 -21.06 -23.34
CA PHE A 353 -17.23 -21.37 -23.17
C PHE A 353 -17.43 -22.14 -21.88
N VAL A 354 -18.68 -22.21 -21.42
CA VAL A 354 -19.04 -23.03 -20.28
C VAL A 354 -20.23 -23.90 -20.66
N ILE A 355 -20.19 -25.16 -20.26
CA ILE A 355 -21.27 -26.13 -20.40
C ILE A 355 -21.81 -26.47 -19.00
N PRO A 356 -23.16 -26.44 -18.81
CA PRO A 356 -23.73 -26.69 -17.44
C PRO A 356 -23.26 -28.02 -16.86
N THR A 357 -23.16 -28.10 -15.55
CA THR A 357 -22.62 -29.27 -14.82
C THR A 357 -23.21 -30.62 -15.20
N GLU A 358 -24.54 -30.69 -15.30
CA GLU A 358 -25.25 -31.95 -15.59
C GLU A 358 -24.91 -32.48 -16.98
N ALA A 359 -24.54 -31.60 -17.90
CA ALA A 359 -24.31 -31.96 -19.28
C ALA A 359 -22.89 -32.48 -19.50
N VAL A 360 -22.47 -33.35 -18.59
CA VAL A 360 -21.10 -33.87 -18.59
C VAL A 360 -20.77 -34.67 -19.86
N ASP A 361 -21.64 -35.62 -20.26
CA ASP A 361 -21.46 -36.35 -21.54
C ASP A 361 -21.33 -35.44 -22.80
N GLU A 362 -22.09 -34.35 -22.81
CA GLU A 362 -22.09 -33.34 -23.88
C GLU A 362 -20.77 -32.55 -23.88
N PHE A 363 -20.28 -32.24 -22.68
CA PHE A 363 -18.97 -31.66 -22.50
C PHE A 363 -17.83 -32.51 -23.07
N LYS A 364 -17.83 -33.81 -22.78
CA LYS A 364 -16.80 -34.74 -23.29
C LYS A 364 -16.84 -34.80 -24.81
N LYS A 365 -18.06 -34.75 -25.36
CA LYS A 365 -18.26 -34.73 -26.80
C LYS A 365 -17.63 -33.50 -27.46
N ILE A 366 -17.87 -32.29 -26.93
CA ILE A 366 -17.22 -31.07 -27.43
C ILE A 366 -15.67 -31.07 -27.38
N ILE A 367 -15.10 -31.63 -26.32
CA ILE A 367 -13.64 -31.78 -26.29
C ILE A 367 -13.18 -32.67 -27.42
N GLY A 368 -13.88 -33.78 -27.63
CA GLY A 368 -13.56 -34.74 -28.72
C GLY A 368 -13.60 -34.13 -30.11
N VAL A 369 -14.56 -33.26 -30.30
CA VAL A 369 -14.69 -32.50 -31.53
C VAL A 369 -13.51 -31.54 -31.74
N ILE A 370 -13.13 -30.82 -30.69
CA ILE A 370 -11.95 -29.97 -30.76
C ILE A 370 -10.69 -30.75 -31.17
N GLN A 371 -10.44 -31.91 -30.55
CA GLN A 371 -9.21 -32.69 -30.83
C GLN A 371 -9.20 -33.24 -32.24
N ALA A 372 -10.34 -33.75 -32.70
CA ALA A 372 -10.47 -34.34 -34.06
C ALA A 372 -10.56 -33.28 -35.18
N SER A 373 -10.66 -32.00 -34.81
CA SER A 373 -10.83 -30.90 -35.76
C SER A 373 -9.65 -30.51 -36.64
N GLY A 374 -8.42 -30.90 -36.28
CA GLY A 374 -7.21 -30.50 -37.03
C GLY A 374 -6.75 -29.08 -36.69
N HIS A 375 -7.36 -28.47 -35.67
CA HIS A 375 -6.97 -27.18 -35.13
C HIS A 375 -6.36 -27.42 -33.76
N TYR A 376 -5.07 -27.14 -33.64
CA TYR A 376 -4.29 -27.52 -32.46
C TYR A 376 -4.19 -26.37 -31.44
N SER A 377 -4.65 -26.61 -30.22
CA SER A 377 -4.56 -25.60 -29.18
C SER A 377 -3.66 -26.09 -28.08
N PHE A 378 -2.57 -25.33 -27.81
CA PHE A 378 -1.56 -25.73 -26.83
C PHE A 378 -1.86 -25.19 -25.42
N LEU A 379 -2.27 -23.93 -25.31
CA LEU A 379 -2.54 -23.37 -23.98
C LEU A 379 -4.03 -23.36 -23.65
N ASN A 380 -4.42 -24.30 -22.78
CA ASN A 380 -5.82 -24.61 -22.50
C ASN A 380 -6.12 -24.60 -21.01
N VAL A 381 -7.09 -23.81 -20.59
CA VAL A 381 -7.49 -23.74 -19.14
C VAL A 381 -8.84 -24.40 -18.89
N PHE A 382 -8.92 -25.28 -17.89
CA PHE A 382 -10.15 -25.94 -17.46
C PHE A 382 -10.47 -25.55 -16.03
N LYS A 383 -11.72 -25.27 -15.72
CA LYS A 383 -12.13 -25.01 -14.36
C LYS A 383 -13.61 -25.36 -14.21
N LEU A 384 -14.00 -25.85 -13.03
CA LEU A 384 -15.41 -26.02 -12.68
C LEU A 384 -15.97 -24.75 -12.00
N PHE A 385 -16.89 -24.04 -12.68
CA PHE A 385 -17.54 -22.87 -12.06
C PHE A 385 -18.53 -23.29 -10.95
N GLY A 386 -18.62 -22.50 -9.87
CA GLY A 386 -19.71 -22.65 -8.90
C GLY A 386 -20.97 -21.83 -9.26
N PRO A 387 -21.80 -21.49 -8.24
CA PRO A 387 -23.04 -20.77 -8.49
C PRO A 387 -22.91 -19.43 -9.23
N ARG A 388 -23.93 -19.12 -10.04
CA ARG A 388 -24.06 -17.83 -10.74
C ARG A 388 -24.57 -16.70 -9.83
N ASN A 389 -24.41 -15.46 -10.29
CA ASN A 389 -24.99 -14.30 -9.62
C ASN A 389 -26.21 -13.81 -10.41
N GLN A 390 -26.76 -12.69 -9.97
CA GLN A 390 -28.03 -12.22 -10.51
C GLN A 390 -27.90 -11.31 -11.72
N ALA A 391 -26.68 -11.05 -12.21
CA ALA A 391 -26.51 -10.24 -13.42
C ALA A 391 -27.02 -10.94 -14.71
N PRO A 392 -27.90 -10.25 -15.48
CA PRO A 392 -28.48 -10.87 -16.68
C PRO A 392 -27.42 -11.36 -17.69
N LEU A 393 -26.36 -10.59 -17.93
CA LEU A 393 -25.35 -10.92 -18.95
C LEU A 393 -24.07 -11.54 -18.40
N SER A 394 -24.05 -11.84 -17.10
CA SER A 394 -22.90 -12.46 -16.46
C SER A 394 -22.59 -13.79 -17.18
N PHE A 395 -21.35 -13.96 -17.59
CA PHE A 395 -20.94 -15.20 -18.25
C PHE A 395 -21.02 -16.50 -17.42
N PRO A 396 -20.43 -16.55 -16.19
CA PRO A 396 -20.34 -17.85 -15.53
C PRO A 396 -21.66 -18.47 -15.08
N ILE A 397 -21.77 -19.80 -15.23
CA ILE A 397 -22.88 -20.58 -14.70
C ILE A 397 -22.24 -21.83 -14.12
N PRO A 398 -22.92 -22.50 -13.17
CA PRO A 398 -22.32 -23.74 -12.66
C PRO A 398 -22.02 -24.75 -13.80
N GLY A 399 -20.76 -25.18 -13.88
CA GLY A 399 -20.39 -26.10 -14.95
C GLY A 399 -18.97 -25.98 -15.46
N TRP A 400 -18.74 -26.66 -16.57
CA TRP A 400 -17.43 -26.95 -17.13
C TRP A 400 -16.99 -25.84 -18.06
N ASN A 401 -16.00 -25.08 -17.61
CA ASN A 401 -15.47 -23.92 -18.32
C ASN A 401 -14.14 -24.25 -19.01
N ILE A 402 -13.99 -23.81 -20.25
CA ILE A 402 -12.79 -24.10 -21.05
C ILE A 402 -12.38 -22.87 -21.81
N CYS A 403 -11.08 -22.60 -21.82
CA CYS A 403 -10.50 -21.58 -22.66
C CYS A 403 -9.46 -22.21 -23.55
N VAL A 404 -9.68 -22.14 -24.87
CA VAL A 404 -8.75 -22.70 -25.83
C VAL A 404 -8.20 -21.59 -26.70
N ASP A 405 -7.14 -21.87 -27.42
CA ASP A 405 -6.42 -20.85 -28.15
C ASP A 405 -5.97 -21.38 -29.51
N PHE A 406 -6.63 -20.93 -30.58
CA PHE A 406 -6.39 -21.51 -31.89
C PHE A 406 -5.54 -20.61 -32.79
N PRO A 407 -4.49 -21.18 -33.42
CA PRO A 407 -3.80 -20.36 -34.41
C PRO A 407 -4.68 -20.19 -35.62
N ILE A 408 -4.63 -19.00 -36.21
CA ILE A 408 -5.47 -18.68 -37.35
C ILE A 408 -5.02 -19.44 -38.62
N LYS A 409 -5.87 -20.37 -39.06
CA LYS A 409 -5.68 -21.22 -40.27
C LYS A 409 -6.93 -21.07 -41.17
N ASP A 410 -6.85 -21.57 -42.40
CA ASP A 410 -8.01 -21.84 -43.26
C ASP A 410 -9.03 -22.73 -42.56
N GLY A 411 -10.30 -22.32 -42.56
CA GLY A 411 -11.37 -23.14 -42.08
C GLY A 411 -11.74 -22.87 -40.64
N LEU A 412 -10.93 -22.07 -39.94
CA LEU A 412 -11.09 -21.91 -38.52
C LEU A 412 -12.39 -21.17 -38.21
N GLY A 413 -12.68 -20.13 -38.99
CA GLY A 413 -13.87 -19.28 -38.79
C GLY A 413 -15.14 -20.12 -38.83
N LYS A 414 -15.23 -20.96 -39.86
CA LYS A 414 -16.32 -21.90 -39.97
C LYS A 414 -16.31 -22.99 -38.88
N PHE A 415 -15.15 -23.50 -38.50
CA PHE A 415 -15.15 -24.49 -37.45
C PHE A 415 -15.69 -23.89 -36.12
N VAL A 416 -15.31 -22.65 -35.79
CA VAL A 416 -15.75 -22.09 -34.52
C VAL A 416 -17.24 -21.79 -34.53
N SER A 417 -17.78 -21.52 -35.71
CA SER A 417 -19.23 -21.45 -35.87
C SER A 417 -19.97 -22.73 -35.50
N GLU A 418 -19.46 -23.89 -35.94
CA GLU A 418 -20.00 -25.18 -35.50
C GLU A 418 -19.89 -25.39 -34.01
N LEU A 419 -18.79 -24.92 -33.41
CA LEU A 419 -18.59 -25.07 -32.00
C LEU A 419 -19.64 -24.26 -31.25
N ASP A 420 -19.84 -23.02 -31.69
CA ASP A 420 -20.87 -22.13 -31.14
C ASP A 420 -22.18 -22.88 -31.06
N ARG A 421 -22.55 -23.51 -32.17
CA ARG A 421 -23.77 -24.24 -32.27
C ARG A 421 -23.85 -25.38 -31.26
N ARG A 422 -22.78 -26.13 -31.09
CA ARG A 422 -22.77 -27.16 -30.09
C ARG A 422 -22.89 -26.62 -28.65
N VAL A 423 -22.24 -25.51 -28.38
CA VAL A 423 -22.25 -24.92 -27.06
C VAL A 423 -23.67 -24.47 -26.73
N LEU A 424 -24.33 -23.90 -27.75
CA LEU A 424 -25.67 -23.41 -27.65
C LEU A 424 -26.64 -24.57 -27.37
N GLU A 425 -26.59 -25.58 -28.21
CA GLU A 425 -27.42 -26.76 -28.07
C GLU A 425 -27.28 -27.41 -26.66
N PHE A 426 -26.07 -27.40 -26.12
CA PHE A 426 -25.80 -28.00 -24.83
C PHE A 426 -25.99 -27.04 -23.62
N GLY A 427 -26.65 -25.91 -23.87
CA GLY A 427 -27.12 -25.03 -22.81
C GLY A 427 -26.04 -24.12 -22.27
N GLY A 428 -24.89 -24.10 -22.97
CA GLY A 428 -23.74 -23.32 -22.53
C GLY A 428 -23.78 -21.94 -23.15
N ARG A 429 -22.68 -21.19 -23.00
CA ARG A 429 -22.56 -19.87 -23.64
C ARG A 429 -21.08 -19.53 -23.86
N LEU A 430 -20.82 -18.50 -24.66
CA LEU A 430 -19.48 -17.95 -24.86
C LEU A 430 -19.35 -16.72 -24.02
N TYR A 431 -18.09 -16.36 -23.75
CA TYR A 431 -17.71 -15.18 -23.03
C TYR A 431 -17.37 -14.07 -24.00
N THR A 432 -17.99 -12.91 -23.77
CA THR A 432 -17.84 -11.75 -24.66
C THR A 432 -16.48 -11.09 -24.58
N ALA A 433 -15.81 -11.22 -23.44
CA ALA A 433 -14.45 -10.71 -23.27
C ALA A 433 -13.42 -11.45 -24.13
N LYS A 434 -13.75 -12.65 -24.61
CA LYS A 434 -12.88 -13.48 -25.48
C LYS A 434 -13.38 -13.58 -26.92
N ASP A 435 -14.57 -13.06 -27.20
CA ASP A 435 -15.23 -13.28 -28.48
C ASP A 435 -15.27 -12.05 -29.36
N SER A 436 -15.04 -12.28 -30.65
CA SER A 436 -15.13 -11.25 -31.68
C SER A 436 -16.02 -11.59 -32.91
N ARG A 437 -16.38 -12.88 -33.04
CA ARG A 437 -17.00 -13.37 -34.29
C ARG A 437 -18.41 -14.00 -34.22
N THR A 438 -18.96 -14.24 -33.02
CA THR A 438 -20.32 -14.84 -32.92
C THR A 438 -21.47 -13.89 -33.36
N THR A 439 -22.61 -14.47 -33.71
CA THR A 439 -23.75 -13.69 -34.22
C THR A 439 -24.71 -13.25 -33.10
N ALA A 440 -25.53 -12.23 -33.38
CA ALA A 440 -26.59 -11.77 -32.49
C ALA A 440 -27.53 -12.90 -32.03
N GLU A 441 -28.07 -13.62 -33.00
CA GLU A 441 -28.85 -14.84 -32.82
C GLU A 441 -28.32 -15.88 -31.80
N THR A 442 -27.09 -16.33 -32.06
CA THR A 442 -26.40 -17.24 -31.19
C THR A 442 -26.30 -16.62 -29.78
N PHE A 443 -25.88 -15.37 -29.69
CA PHE A 443 -25.68 -14.72 -28.40
C PHE A 443 -26.98 -14.64 -27.66
N HIS A 444 -28.06 -14.24 -28.34
CA HIS A 444 -29.36 -14.04 -27.70
C HIS A 444 -29.91 -15.34 -27.16
N ALA A 445 -29.72 -16.43 -27.89
CA ALA A 445 -30.20 -17.75 -27.43
C ALA A 445 -29.38 -18.30 -26.25
N MET A 446 -28.10 -17.93 -26.15
CA MET A 446 -27.20 -18.36 -25.06
C MET A 446 -27.43 -17.64 -23.74
N TYR A 447 -27.92 -16.40 -23.83
CA TYR A 447 -28.24 -15.54 -22.70
C TYR A 447 -29.74 -15.24 -22.72
N PRO A 448 -30.54 -16.17 -22.18
CA PRO A 448 -31.99 -15.95 -22.39
C PRO A 448 -32.55 -14.77 -21.56
N ARG A 449 -31.75 -14.23 -20.64
CA ARG A 449 -32.17 -13.03 -19.91
C ARG A 449 -31.79 -11.72 -20.61
N VAL A 450 -31.34 -11.80 -21.86
CA VAL A 450 -30.94 -10.61 -22.61
C VAL A 450 -32.06 -9.59 -22.83
N ASP A 451 -33.27 -10.06 -23.06
CA ASP A 451 -34.41 -9.15 -23.25
C ASP A 451 -34.69 -8.32 -21.99
N GLU A 452 -34.62 -8.97 -20.84
CA GLU A 452 -34.78 -8.31 -19.53
C GLU A 452 -33.72 -7.20 -19.42
N TRP A 453 -32.50 -7.55 -19.79
CA TRP A 453 -31.34 -6.65 -19.77
C TRP A 453 -31.54 -5.44 -20.68
N ILE A 454 -31.86 -5.71 -21.93
CA ILE A 454 -32.13 -4.70 -22.94
C ILE A 454 -33.13 -3.62 -22.51
N SER A 455 -34.22 -4.04 -21.86
CA SER A 455 -35.21 -3.07 -21.41
C SER A 455 -34.66 -2.21 -20.27
N VAL A 456 -33.80 -2.78 -19.41
CA VAL A 456 -33.09 -1.97 -18.41
C VAL A 456 -32.21 -0.95 -19.17
N ARG A 457 -31.53 -1.41 -20.21
CA ARG A 457 -30.65 -0.52 -20.97
C ARG A 457 -31.40 0.60 -21.68
N ARG A 458 -32.56 0.29 -22.25
CA ARG A 458 -33.38 1.31 -22.92
C ARG A 458 -33.93 2.34 -21.96
N LYS A 459 -34.21 1.91 -20.73
CA LYS A 459 -34.68 2.82 -19.68
C LYS A 459 -33.61 3.85 -19.29
N VAL A 460 -32.35 3.41 -19.22
CA VAL A 460 -31.26 4.28 -18.75
C VAL A 460 -30.59 5.03 -19.91
N ASP A 461 -30.65 4.46 -21.10
CA ASP A 461 -30.09 5.07 -22.30
C ASP A 461 -31.11 5.13 -23.48
N PRO A 462 -32.09 6.06 -23.41
CA PRO A 462 -33.11 6.10 -24.49
C PRO A 462 -32.57 6.49 -25.88
N LEU A 463 -31.59 7.40 -25.93
CA LEU A 463 -31.04 7.94 -27.18
C LEU A 463 -29.83 7.20 -27.74
N ARG A 464 -29.54 6.02 -27.19
CA ARG A 464 -28.39 5.17 -27.59
C ARG A 464 -27.02 5.88 -27.53
N VAL A 465 -26.85 6.69 -26.47
CA VAL A 465 -25.65 7.50 -26.22
C VAL A 465 -24.41 6.59 -26.00
N PHE A 466 -24.62 5.43 -25.39
CA PHE A 466 -23.55 4.45 -25.17
C PHE A 466 -23.68 3.28 -26.15
N ALA A 467 -22.62 3.08 -26.94
CA ALA A 467 -22.60 2.19 -28.08
C ALA A 467 -21.19 1.71 -28.32
N SER A 468 -21.08 0.50 -28.87
CA SER A 468 -19.82 -0.14 -29.21
C SER A 468 -19.97 -1.03 -30.44
N ASP A 469 -18.85 -1.40 -31.06
CA ASP A 469 -18.83 -2.38 -32.15
C ASP A 469 -19.60 -3.65 -31.75
N MET A 470 -19.28 -4.23 -30.60
CA MET A 470 -19.96 -5.39 -30.06
C MET A 470 -21.48 -5.20 -29.95
N ALA A 471 -21.90 -4.07 -29.37
CA ALA A 471 -23.31 -3.73 -29.21
C ALA A 471 -24.02 -3.82 -30.56
N ARG A 472 -23.44 -3.19 -31.58
CA ARG A 472 -24.01 -3.22 -32.92
C ARG A 472 -24.04 -4.65 -33.48
N ARG A 473 -22.95 -5.38 -33.31
CA ARG A 473 -22.82 -6.75 -33.81
C ARG A 473 -23.80 -7.71 -33.11
N LEU A 474 -23.90 -7.62 -31.80
CA LEU A 474 -24.71 -8.53 -31.02
C LEU A 474 -26.12 -8.03 -30.83
N GLU A 475 -26.43 -6.86 -31.39
CA GLU A 475 -27.76 -6.27 -31.34
C GLU A 475 -28.24 -6.10 -29.92
N LEU A 476 -27.38 -5.48 -29.13
CA LEU A 476 -27.64 -5.12 -27.75
C LEU A 476 -27.91 -3.62 -27.66
N LEU A 477 -27.90 -2.95 -28.81
CA LEU A 477 -28.01 -1.49 -28.87
C LEU A 477 -29.40 -1.01 -28.47
N THR B 23 3.01 -14.80 30.98
CA THR B 23 2.64 -13.55 30.25
C THR B 23 3.84 -12.63 29.98
N THR B 24 4.74 -12.49 30.96
CA THR B 24 5.93 -11.60 30.88
C THR B 24 7.29 -12.35 31.05
N THR B 25 8.36 -11.85 30.39
CA THR B 25 9.72 -12.43 30.50
C THR B 25 10.74 -11.43 31.06
N ALA B 26 11.58 -11.88 32.00
CA ALA B 26 12.71 -11.10 32.50
C ALA B 26 13.77 -10.91 31.39
N THR B 27 14.00 -9.66 30.98
CA THR B 27 14.93 -9.31 29.86
C THR B 27 15.83 -8.12 30.23
N ARG B 28 17.15 -8.30 30.04
CA ARG B 28 18.12 -7.19 30.13
C ARG B 28 18.00 -6.28 28.90
N LEU B 29 17.37 -5.13 29.09
CA LEU B 29 17.14 -4.13 28.05
C LEU B 29 18.17 -3.00 28.15
N THR B 30 18.49 -2.40 26.99
CA THR B 30 19.33 -1.17 26.89
C THR B 30 18.75 -0.23 25.81
N GLY B 31 19.22 1.02 25.78
CA GLY B 31 18.99 1.92 24.63
C GLY B 31 19.95 1.59 23.50
N TRP B 32 19.78 2.25 22.35
CA TRP B 32 20.57 1.98 21.12
C TRP B 32 22.09 2.13 21.26
N GLY B 33 22.53 3.03 22.17
CA GLY B 33 23.95 3.24 22.47
C GLY B 33 24.58 2.08 23.22
N ARG B 34 23.83 0.96 23.29
CA ARG B 34 24.18 -0.28 24.00
C ARG B 34 24.73 -0.04 25.43
N THR B 35 24.06 0.86 26.15
CA THR B 35 24.59 1.46 27.39
C THR B 35 23.60 1.53 28.58
N ALA B 36 24.15 1.41 29.79
CA ALA B 36 23.42 1.34 31.08
C ALA B 36 22.33 0.25 31.17
N PRO B 37 22.74 -1.05 31.23
CA PRO B 37 21.75 -2.15 31.20
C PRO B 37 20.86 -2.25 32.44
N SER B 38 19.57 -2.58 32.26
CA SER B 38 18.61 -2.83 33.37
C SER B 38 17.61 -3.95 33.03
N VAL B 39 17.33 -4.82 34.00
CA VAL B 39 16.42 -5.98 33.83
C VAL B 39 14.96 -5.59 34.13
N ALA B 40 14.06 -5.85 33.16
CA ALA B 40 12.61 -5.70 33.35
C ALA B 40 11.82 -6.94 32.93
N ASN B 41 10.59 -7.04 33.43
CA ASN B 41 9.59 -7.94 32.86
C ASN B 41 9.07 -7.31 31.53
N VAL B 42 9.26 -8.02 30.42
CA VAL B 42 8.86 -7.55 29.09
C VAL B 42 7.61 -8.30 28.61
N LEU B 43 6.48 -7.59 28.57
CA LEU B 43 5.23 -8.08 27.98
C LEU B 43 5.16 -7.75 26.48
N ARG B 44 5.11 -8.80 25.67
CA ARG B 44 5.13 -8.70 24.22
C ARG B 44 3.88 -9.38 23.66
N THR B 45 2.78 -8.63 23.51
CA THR B 45 1.50 -9.21 23.08
C THR B 45 0.86 -8.43 21.91
N PRO B 46 0.26 -9.15 20.92
CA PRO B 46 -0.54 -8.46 19.90
C PRO B 46 -1.93 -8.07 20.40
N ASP B 47 -2.30 -8.57 21.58
CA ASP B 47 -3.63 -8.38 22.11
C ASP B 47 -3.69 -7.11 22.96
N ALA B 48 -4.51 -6.16 22.52
CA ALA B 48 -4.71 -4.89 23.24
C ALA B 48 -5.32 -5.10 24.62
N GLU B 49 -6.20 -6.08 24.73
CA GLU B 49 -6.85 -6.44 25.99
C GLU B 49 -5.88 -6.79 27.09
N MET B 50 -4.83 -7.52 26.72
CA MET B 50 -3.82 -8.01 27.66
C MET B 50 -3.03 -6.84 28.22
N ILE B 51 -2.76 -5.85 27.37
CA ILE B 51 -2.06 -4.60 27.74
C ILE B 51 -2.88 -3.80 28.76
N VAL B 52 -4.16 -3.62 28.50
CA VAL B 52 -5.10 -3.04 29.48
C VAL B 52 -5.05 -3.75 30.84
N LYS B 53 -5.15 -5.09 30.81
CA LYS B 53 -5.16 -5.91 32.04
C LYS B 53 -3.84 -5.86 32.81
N ALA B 54 -2.73 -5.77 32.07
CA ALA B 54 -1.40 -5.68 32.68
C ALA B 54 -1.19 -4.33 33.39
N VAL B 55 -1.74 -3.26 32.79
CA VAL B 55 -1.76 -1.92 33.40
C VAL B 55 -2.62 -1.88 34.66
N ALA B 56 -3.80 -2.49 34.59
CA ALA B 56 -4.63 -2.71 35.78
C ALA B 56 -3.90 -3.53 36.85
N ARG B 57 -3.12 -4.54 36.44
CA ARG B 57 -2.30 -5.39 37.34
C ARG B 57 -1.21 -4.59 38.05
N VAL B 58 -0.65 -3.60 37.36
CA VAL B 58 0.37 -2.70 37.92
C VAL B 58 -0.26 -1.65 38.87
N ALA B 59 -1.42 -1.12 38.49
CA ALA B 59 -2.17 -0.15 39.31
C ALA B 59 -2.68 -0.71 40.66
N GLU B 60 -3.16 -1.95 40.66
CA GLU B 60 -3.72 -2.60 41.86
C GLU B 60 -2.67 -3.07 42.83
N SER B 61 -1.50 -3.46 42.30
CA SER B 61 -0.42 -4.03 43.11
C SER B 61 0.47 -2.94 43.77
N GLY B 62 -0.19 -2.00 44.44
CA GLY B 62 0.48 -0.91 45.18
C GLY B 62 1.42 -0.01 44.37
N GLY B 63 1.20 0.07 43.06
CA GLY B 63 2.00 0.90 42.14
C GLY B 63 3.40 0.39 41.80
N GLY B 64 4.17 0.04 42.85
CA GLY B 64 5.53 -0.53 42.74
C GLY B 64 6.45 0.33 41.90
N ARG B 65 7.20 -0.31 41.01
CA ARG B 65 8.16 0.38 40.14
C ARG B 65 7.59 0.63 38.74
N GLY B 66 6.29 0.36 38.60
CA GLY B 66 5.50 0.83 37.47
C GLY B 66 5.69 0.17 36.12
N ALA B 67 5.35 0.91 35.08
CA ALA B 67 5.33 0.37 33.71
C ALA B 67 5.70 1.45 32.71
N ILE B 68 6.41 1.06 31.65
CA ILE B 68 6.67 1.95 30.54
C ILE B 68 6.44 1.25 29.18
N ALA B 69 5.97 2.01 28.19
CA ALA B 69 5.91 1.49 26.82
C ALA B 69 7.31 1.50 26.17
N ARG B 70 7.55 0.50 25.32
CA ARG B 70 8.73 0.47 24.46
C ARG B 70 8.30 0.31 22.98
N GLY B 71 9.00 1.01 22.09
CA GLY B 71 8.82 0.89 20.64
C GLY B 71 9.88 0.03 20.03
N LEU B 72 10.62 0.56 19.07
CA LEU B 72 11.71 -0.21 18.45
C LEU B 72 13.09 -0.09 19.13
N GLY B 73 13.14 0.57 20.30
CA GLY B 73 14.35 0.72 21.12
C GLY B 73 15.42 1.57 20.48
N ARG B 74 15.02 2.54 19.66
CA ARG B 74 15.99 3.33 18.94
C ARG B 74 16.45 4.56 19.74
N SER B 75 15.75 4.90 20.81
CA SER B 75 16.26 5.89 21.78
C SER B 75 17.57 5.46 22.39
N TYR B 76 18.56 6.33 22.34
CA TYR B 76 19.89 6.09 22.93
C TYR B 76 19.79 6.13 24.45
N GLY B 77 18.85 6.94 24.94
CA GLY B 77 18.56 7.06 26.36
C GLY B 77 17.97 5.86 27.07
N ASP B 78 17.56 6.13 28.32
CA ASP B 78 16.94 5.16 29.19
C ASP B 78 15.42 5.44 29.38
N ASN B 79 14.83 6.16 28.43
CA ASN B 79 13.37 6.43 28.44
C ASN B 79 12.47 5.22 28.18
N ALA B 80 13.02 4.16 27.57
CA ALA B 80 12.25 2.96 27.18
C ALA B 80 12.70 1.73 27.95
N GLN B 81 13.14 1.96 29.18
CA GLN B 81 13.44 0.90 30.15
C GLN B 81 13.02 1.26 31.57
N ASN B 82 12.79 0.24 32.37
CA ASN B 82 12.18 0.38 33.67
C ASN B 82 12.67 -0.74 34.56
N GLY B 83 13.93 -0.63 34.99
CA GLY B 83 14.59 -1.61 35.87
C GLY B 83 13.70 -1.98 37.04
N GLY B 84 13.48 -3.28 37.21
CA GLY B 84 12.62 -3.81 38.28
C GLY B 84 11.12 -3.59 38.12
N GLY B 85 10.69 -3.14 36.95
CA GLY B 85 9.27 -2.94 36.65
C GLY B 85 8.83 -3.60 35.36
N LEU B 86 7.68 -3.16 34.85
CA LEU B 86 7.15 -3.68 33.60
C LEU B 86 7.50 -2.79 32.39
N VAL B 87 7.97 -3.44 31.34
CA VAL B 87 8.15 -2.84 30.03
C VAL B 87 7.17 -3.54 29.08
N ILE B 88 6.33 -2.75 28.41
CA ILE B 88 5.38 -3.27 27.43
C ILE B 88 5.88 -2.99 26.01
N ASP B 89 6.33 -4.05 25.33
CA ASP B 89 6.79 -4.00 23.94
C ASP B 89 5.56 -3.82 23.04
N MET B 90 5.56 -2.71 22.32
CA MET B 90 4.41 -2.25 21.55
C MET B 90 4.41 -2.68 20.08
N THR B 91 5.55 -3.19 19.61
CA THR B 91 5.69 -3.55 18.17
C THR B 91 4.68 -4.60 17.61
N PRO B 92 4.17 -5.54 18.44
CA PRO B 92 3.12 -6.39 17.85
C PRO B 92 1.78 -5.69 17.60
N LEU B 93 1.57 -4.49 18.16
CA LEU B 93 0.40 -3.69 17.80
C LEU B 93 0.64 -2.84 16.56
N ASN B 94 0.56 -3.49 15.40
CA ASN B 94 1.06 -2.87 14.16
C ASN B 94 0.07 -2.90 12.98
N THR B 95 -1.21 -2.71 13.29
CA THR B 95 -2.23 -2.64 12.28
C THR B 95 -2.34 -1.22 11.73
N ILE B 96 -2.27 -1.12 10.41
CA ILE B 96 -2.70 0.06 9.68
C ILE B 96 -4.20 -0.11 9.45
N HIS B 97 -5.00 0.73 10.11
CA HIS B 97 -6.45 0.62 10.09
C HIS B 97 -7.08 1.25 8.88
N SER B 98 -6.62 2.44 8.51
CA SER B 98 -7.10 3.06 7.28
C SER B 98 -6.17 4.16 6.79
N ILE B 99 -6.19 4.41 5.49
CA ILE B 99 -5.53 5.55 4.86
C ILE B 99 -6.56 6.10 3.90
N ASP B 100 -6.63 7.43 3.82
CA ASP B 100 -7.61 8.11 3.00
C ASP B 100 -6.92 9.25 2.25
N ALA B 101 -6.90 9.19 0.93
CA ALA B 101 -6.16 10.16 0.14
C ALA B 101 -6.85 11.54 0.08
N ASP B 102 -8.15 11.57 0.32
CA ASP B 102 -8.91 12.81 0.21
C ASP B 102 -8.68 13.68 1.48
N THR B 103 -8.80 13.06 2.66
CA THR B 103 -8.58 13.77 3.93
C THR B 103 -7.12 13.78 4.34
N LYS B 104 -6.30 12.95 3.68
CA LYS B 104 -4.87 12.80 3.98
C LYS B 104 -4.57 12.22 5.39
N LEU B 105 -5.53 11.48 5.94
CA LEU B 105 -5.44 10.92 7.28
C LEU B 105 -5.15 9.45 7.24
N VAL B 106 -4.23 9.03 8.10
CA VAL B 106 -3.90 7.63 8.29
C VAL B 106 -4.21 7.30 9.73
N ASP B 107 -4.81 6.14 9.95
CA ASP B 107 -5.24 5.70 11.25
C ASP B 107 -4.50 4.41 11.60
N ILE B 108 -3.61 4.50 12.58
CA ILE B 108 -2.69 3.38 12.83
C ILE B 108 -2.59 3.07 14.31
N ASP B 109 -2.22 1.82 14.59
CA ASP B 109 -1.77 1.36 15.89
C ASP B 109 -0.41 1.91 16.15
N ALA B 110 -0.16 2.20 17.43
CA ALA B 110 1.06 2.87 17.87
C ALA B 110 2.32 2.10 17.58
N GLY B 111 2.23 0.78 17.41
CA GLY B 111 3.40 -0.04 17.09
C GLY B 111 3.80 -0.08 15.63
N VAL B 112 3.01 0.59 14.76
CA VAL B 112 3.35 0.71 13.34
C VAL B 112 4.67 1.46 13.25
N ASN B 113 5.64 0.95 12.49
CA ASN B 113 6.85 1.71 12.25
C ASN B 113 6.80 2.66 11.04
N LEU B 114 7.68 3.66 11.03
CA LEU B 114 7.65 4.65 9.94
C LEU B 114 8.01 4.11 8.54
N ASP B 115 8.76 3.01 8.45
CA ASP B 115 9.07 2.39 7.19
C ASP B 115 7.84 1.68 6.58
N GLN B 116 7.13 0.95 7.43
CA GLN B 116 5.86 0.29 7.10
C GLN B 116 4.81 1.35 6.69
N LEU B 117 4.72 2.44 7.43
CA LEU B 117 3.80 3.52 7.09
C LEU B 117 4.12 4.23 5.75
N MET B 118 5.38 4.59 5.60
CA MET B 118 5.87 5.15 4.37
C MET B 118 5.42 4.31 3.18
N LYS B 119 5.70 3.00 3.22
CA LYS B 119 5.39 2.13 2.08
C LYS B 119 3.88 1.95 1.87
N ALA B 120 3.11 1.80 2.92
CA ALA B 120 1.67 1.68 2.79
C ALA B 120 1.02 2.95 2.20
N ALA B 121 1.61 4.11 2.45
CA ALA B 121 0.96 5.39 2.13
C ALA B 121 1.34 6.02 0.80
N LEU B 122 2.54 5.75 0.32
CA LEU B 122 2.95 6.19 -1.03
C LEU B 122 1.94 5.93 -2.14
N PRO B 123 1.37 4.70 -2.25
CA PRO B 123 0.49 4.50 -3.43
C PRO B 123 -0.78 5.38 -3.37
N PHE B 124 -1.00 6.06 -2.23
CA PHE B 124 -2.10 7.04 -2.12
C PHE B 124 -1.64 8.47 -2.43
N GLY B 125 -0.39 8.65 -2.86
CA GLY B 125 0.23 9.97 -2.90
C GLY B 125 0.39 10.66 -1.54
N LEU B 126 0.75 9.91 -0.49
CA LEU B 126 0.93 10.52 0.84
C LEU B 126 2.33 10.26 1.38
N TRP B 127 2.86 11.25 2.10
CA TRP B 127 4.26 11.24 2.57
C TRP B 127 4.21 11.49 4.08
N VAL B 128 4.91 10.63 4.83
CA VAL B 128 5.10 10.77 6.26
C VAL B 128 5.66 12.19 6.48
N PRO B 129 4.96 13.02 7.26
CA PRO B 129 5.33 14.45 7.25
C PRO B 129 6.65 14.80 7.97
N VAL B 130 7.14 13.90 8.82
CA VAL B 130 8.36 14.16 9.54
C VAL B 130 9.04 12.82 9.63
N LEU B 131 10.16 12.69 8.92
CA LEU B 131 10.95 11.49 9.02
C LEU B 131 12.23 11.82 9.76
N PRO B 132 12.63 10.97 10.70
CA PRO B 132 13.92 11.16 11.30
C PRO B 132 15.01 10.52 10.42
N GLY B 133 16.24 10.53 10.89
CA GLY B 133 17.32 9.89 10.14
C GLY B 133 17.28 8.38 9.98
N THR B 134 16.38 7.69 10.69
CA THR B 134 16.13 6.25 10.49
C THR B 134 14.63 6.08 10.37
N ARG B 135 14.19 4.99 9.76
CA ARG B 135 12.76 4.75 9.57
C ARG B 135 12.31 3.67 10.54
N GLN B 136 13.28 3.07 11.23
CA GLN B 136 13.01 2.02 12.17
C GLN B 136 12.62 2.61 13.53
N VAL B 137 11.45 3.26 13.52
CA VAL B 137 10.91 4.02 14.65
C VAL B 137 9.40 3.77 14.70
N THR B 138 8.83 3.54 15.89
CA THR B 138 7.37 3.36 15.97
C THR B 138 6.68 4.71 15.96
N VAL B 139 5.39 4.73 15.62
CA VAL B 139 4.57 5.96 15.71
C VAL B 139 4.49 6.43 17.17
N GLY B 140 4.30 5.49 18.10
CA GLY B 140 4.32 5.76 19.53
C GLY B 140 5.61 6.46 20.01
N GLY B 141 6.77 6.00 19.55
CA GLY B 141 8.06 6.60 19.89
C GLY B 141 8.22 7.95 19.23
N ALA B 142 7.68 8.08 18.02
CA ALA B 142 7.72 9.32 17.28
C ALA B 142 6.97 10.39 18.03
N ILE B 143 5.79 10.05 18.56
CA ILE B 143 4.98 11.00 19.31
C ILE B 143 5.66 11.32 20.67
N ALA B 144 6.03 10.26 21.40
CA ALA B 144 6.51 10.41 22.75
C ALA B 144 7.85 11.15 22.84
N CYS B 145 8.70 11.06 21.83
CA CYS B 145 9.91 11.87 21.75
C CYS B 145 9.73 13.12 20.89
N ASP B 146 8.51 13.37 20.37
CA ASP B 146 8.20 14.48 19.45
C ASP B 146 9.33 14.68 18.42
N ILE B 147 9.55 13.65 17.60
CA ILE B 147 10.74 13.60 16.73
C ILE B 147 10.75 14.70 15.69
N HIS B 148 11.94 15.08 15.27
CA HIS B 148 12.11 16.12 14.26
C HIS B 148 12.95 15.55 13.14
N GLY B 149 13.01 16.26 12.02
CA GLY B 149 13.88 15.83 10.92
C GLY B 149 14.48 16.96 10.14
N LYS B 150 14.86 16.60 8.91
CA LYS B 150 15.52 17.45 7.97
C LYS B 150 14.61 18.60 7.51
N ASN B 151 13.31 18.42 7.68
CA ASN B 151 12.33 19.44 7.29
C ASN B 151 11.74 20.24 8.48
N HIS B 152 12.41 20.21 9.62
CA HIS B 152 11.84 20.85 10.81
C HIS B 152 11.42 22.28 10.58
N HIS B 153 12.27 23.06 9.89
CA HIS B 153 12.07 24.50 9.69
C HIS B 153 10.82 24.82 8.85
N SER B 154 10.31 23.84 8.09
CA SER B 154 9.06 24.03 7.33
C SER B 154 7.88 23.19 7.81
N ALA B 155 8.13 22.04 8.45
CA ALA B 155 7.02 21.12 8.86
C ALA B 155 6.83 20.99 10.37
N GLY B 156 7.73 21.58 11.16
CA GLY B 156 7.78 21.38 12.61
C GLY B 156 8.14 19.94 12.95
N SER B 157 7.74 19.50 14.13
CA SER B 157 8.08 18.16 14.55
C SER B 157 6.87 17.24 14.45
N PHE B 158 7.02 15.98 14.83
CA PHE B 158 6.01 14.94 14.58
C PHE B 158 4.65 15.27 15.16
N GLY B 159 4.65 15.73 16.41
CA GLY B 159 3.44 16.07 17.12
C GLY B 159 2.55 17.10 16.47
N ASN B 160 3.10 18.01 15.65
CA ASN B 160 2.32 19.01 14.87
C ASN B 160 1.39 18.37 13.85
N HIS B 161 1.66 17.10 13.50
CA HIS B 161 0.86 16.42 12.47
C HIS B 161 -0.12 15.38 13.05
N VAL B 162 -0.19 15.27 14.36
CA VAL B 162 -1.09 14.29 14.97
C VAL B 162 -2.47 14.92 15.15
N ARG B 163 -3.49 14.30 14.59
CA ARG B 163 -4.83 14.85 14.70
C ARG B 163 -5.59 14.29 15.85
N SER B 164 -5.27 13.09 16.27
CA SER B 164 -5.88 12.46 17.45
C SER B 164 -5.01 11.32 17.92
N MET B 165 -5.12 10.99 19.20
CA MET B 165 -4.53 9.75 19.69
C MET B 165 -5.40 9.13 20.75
N ASP B 166 -5.18 7.85 21.00
CA ASP B 166 -5.91 7.10 22.02
C ASP B 166 -4.88 6.68 23.06
N LEU B 167 -5.04 7.19 24.27
CA LEU B 167 -4.09 7.03 25.36
C LEU B 167 -4.70 6.18 26.44
N LEU B 168 -4.06 5.05 26.72
CA LEU B 168 -4.42 4.25 27.88
C LEU B 168 -3.82 4.95 29.09
N THR B 169 -4.68 5.39 30.00
CA THR B 169 -4.26 6.04 31.26
C THR B 169 -4.30 5.06 32.47
N ALA B 170 -3.65 5.47 33.56
CA ALA B 170 -3.46 4.67 34.79
C ALA B 170 -4.74 4.04 35.38
N ASP B 171 -5.85 4.77 35.29
CA ASP B 171 -7.18 4.30 35.72
C ASP B 171 -7.80 3.16 34.85
N GLY B 172 -7.14 2.83 33.74
CA GLY B 172 -7.60 1.75 32.86
C GLY B 172 -8.48 2.21 31.71
N GLU B 173 -8.76 3.52 31.65
CA GLU B 173 -9.55 4.10 30.56
C GLU B 173 -8.68 4.53 29.36
N ILE B 174 -9.26 4.39 28.17
CA ILE B 174 -8.62 4.82 26.93
C ILE B 174 -9.20 6.17 26.54
N ARG B 175 -8.36 7.21 26.59
CA ARG B 175 -8.79 8.59 26.37
C ARG B 175 -8.54 8.97 24.92
N HIS B 176 -9.53 9.61 24.29
CA HIS B 176 -9.40 10.12 22.94
C HIS B 176 -8.97 11.58 23.00
N LEU B 177 -7.73 11.86 22.59
CA LEU B 177 -7.15 13.20 22.72
C LEU B 177 -7.04 13.90 21.38
N THR B 178 -7.29 15.21 21.36
CA THR B 178 -7.06 16.05 20.21
C THR B 178 -6.23 17.31 20.55
N PRO B 179 -5.49 17.89 19.57
CA PRO B 179 -4.66 19.07 19.85
C PRO B 179 -5.42 20.33 20.26
N THR B 180 -6.70 20.42 19.94
CA THR B 180 -7.58 21.53 20.36
C THR B 180 -8.83 20.95 21.03
N GLY B 181 -9.70 21.77 21.58
CA GLY B 181 -10.77 21.26 22.46
C GLY B 181 -10.26 20.75 23.82
N GLU B 182 -11.13 20.15 24.63
CA GLU B 182 -10.76 19.65 25.98
C GLU B 182 -9.77 18.50 25.87
N ASP B 183 -9.05 18.23 26.95
CA ASP B 183 -7.89 17.31 26.89
C ASP B 183 -6.70 17.74 26.02
N ALA B 184 -6.77 18.92 25.41
CA ALA B 184 -5.61 19.52 24.71
C ALA B 184 -4.36 19.47 25.57
N GLU B 185 -4.51 19.83 26.83
CA GLU B 185 -3.39 19.95 27.74
C GLU B 185 -2.69 18.61 27.89
N LEU B 186 -3.48 17.56 28.09
CA LEU B 186 -2.97 16.22 28.20
C LEU B 186 -2.38 15.72 26.85
N PHE B 187 -2.99 16.12 25.72
CA PHE B 187 -2.48 15.78 24.39
C PHE B 187 -1.08 16.37 24.24
N TRP B 188 -0.94 17.65 24.60
CA TRP B 188 0.35 18.34 24.47
C TRP B 188 1.40 17.90 25.51
N ALA B 189 0.95 17.24 26.57
CA ALA B 189 1.86 16.68 27.56
C ALA B 189 2.31 15.29 27.09
N THR B 190 1.46 14.63 26.31
CA THR B 190 1.80 13.31 25.74
C THR B 190 2.85 13.43 24.61
N VAL B 191 2.70 14.44 23.77
CA VAL B 191 3.71 14.78 22.77
C VAL B 191 4.96 15.15 23.54
N GLY B 192 6.07 14.46 23.27
CA GLY B 192 7.33 14.74 23.96
C GLY B 192 7.33 14.25 25.40
N GLY B 193 6.26 13.55 25.79
CA GLY B 193 6.12 13.09 27.16
C GLY B 193 6.86 11.83 27.56
N ASN B 194 7.63 11.26 26.63
CA ASN B 194 8.47 10.07 26.90
C ASN B 194 7.72 8.88 27.51
N GLY B 195 6.46 8.70 27.09
CA GLY B 195 5.61 7.62 27.59
C GLY B 195 5.04 7.78 28.99
N LEU B 196 5.26 8.94 29.63
CA LEU B 196 4.94 9.11 31.07
C LEU B 196 3.52 9.60 31.39
N THR B 197 2.66 9.74 30.35
CA THR B 197 1.23 10.01 30.57
C THR B 197 0.35 8.76 30.34
N GLY B 198 0.99 7.71 29.85
CA GLY B 198 0.34 6.43 29.57
C GLY B 198 0.76 5.84 28.23
N ILE B 199 0.02 4.84 27.79
CA ILE B 199 0.36 4.11 26.59
C ILE B 199 -0.49 4.61 25.42
N ILE B 200 0.18 5.14 24.42
CA ILE B 200 -0.48 5.52 23.18
C ILE B 200 -0.80 4.20 22.44
N MET B 201 -2.09 3.98 22.18
CA MET B 201 -2.57 2.76 21.53
C MET B 201 -2.75 2.95 20.03
N ARG B 202 -3.13 4.16 19.62
CA ARG B 202 -3.68 4.40 18.31
C ARG B 202 -3.63 5.88 18.02
N ALA B 203 -3.32 6.25 16.78
CA ALA B 203 -3.25 7.65 16.43
C ALA B 203 -3.80 7.92 15.03
N THR B 204 -4.23 9.15 14.80
CA THR B 204 -4.53 9.63 13.47
C THR B 204 -3.53 10.72 13.12
N ILE B 205 -2.84 10.55 12.00
CA ILE B 205 -1.84 11.50 11.54
C ILE B 205 -2.34 12.10 10.25
N GLU B 206 -2.14 13.41 10.07
CA GLU B 206 -2.29 14.05 8.78
C GLU B 206 -0.98 14.01 7.95
N MET B 207 -1.05 13.36 6.79
CA MET B 207 0.11 13.20 5.91
C MET B 207 0.31 14.37 4.98
N THR B 208 1.47 14.45 4.38
CA THR B 208 1.77 15.48 3.39
C THR B 208 1.45 14.90 1.99
N PRO B 209 0.69 15.64 1.14
CA PRO B 209 0.44 15.13 -0.23
C PRO B 209 1.72 15.22 -1.07
N THR B 210 2.00 14.18 -1.84
CA THR B 210 3.13 14.18 -2.77
C THR B 210 2.72 13.47 -4.05
N SER B 211 3.28 13.92 -5.16
CA SER B 211 3.01 13.23 -6.41
C SER B 211 4.17 12.32 -6.80
N THR B 212 5.28 12.38 -6.06
CA THR B 212 6.42 11.46 -6.29
C THR B 212 7.06 10.97 -5.02
N ALA B 213 7.86 9.91 -5.15
CA ALA B 213 8.73 9.42 -4.05
C ALA B 213 10.18 10.02 -4.10
N TYR B 214 10.35 11.15 -4.76
CA TYR B 214 11.69 11.66 -5.06
C TYR B 214 11.89 13.08 -4.65
N PHE B 215 13.16 13.47 -4.49
CA PHE B 215 13.58 14.81 -4.15
C PHE B 215 14.32 15.49 -5.27
N ILE B 216 14.19 16.81 -5.35
CA ILE B 216 15.07 17.65 -6.17
C ILE B 216 16.05 18.28 -5.18
N ALA B 217 17.34 18.08 -5.39
CA ALA B 217 18.31 18.46 -4.38
C ALA B 217 19.40 19.39 -4.90
N ASP B 218 19.77 20.35 -4.06
CA ASP B 218 20.91 21.23 -4.26
C ASP B 218 21.94 20.91 -3.21
N GLY B 219 23.21 20.94 -3.60
CA GLY B 219 24.31 20.69 -2.67
C GLY B 219 25.22 21.89 -2.65
N ASP B 220 25.66 22.28 -1.46
CA ASP B 220 26.60 23.36 -1.30
C ASP B 220 27.65 22.98 -0.32
N VAL B 221 28.78 23.66 -0.42
CA VAL B 221 29.93 23.37 0.41
C VAL B 221 30.46 24.72 0.89
N THR B 222 30.82 24.79 2.17
CA THR B 222 31.40 25.98 2.78
C THR B 222 32.83 25.69 3.25
N ALA B 223 33.65 26.72 3.42
CA ALA B 223 35.05 26.56 3.86
C ALA B 223 35.30 26.89 5.34
N SER B 224 34.26 27.41 6.00
CA SER B 224 34.35 27.85 7.39
C SER B 224 33.02 27.84 8.12
N LEU B 225 33.10 27.85 9.46
CA LEU B 225 31.93 27.99 10.31
C LEU B 225 31.13 29.27 10.03
N ASP B 226 31.84 30.37 9.89
CA ASP B 226 31.27 31.68 9.54
C ASP B 226 30.45 31.60 8.26
N GLU B 227 30.98 30.90 7.25
CA GLU B 227 30.25 30.65 6.00
C GLU B 227 28.99 29.82 6.22
N THR B 228 29.12 28.71 6.94
CA THR B 228 28.00 27.82 7.24
C THR B 228 26.85 28.64 7.88
N ILE B 229 27.19 29.45 8.88
CA ILE B 229 26.19 30.30 9.54
C ILE B 229 25.59 31.32 8.60
N ALA B 230 26.42 32.02 7.81
CA ALA B 230 25.97 32.99 6.81
C ALA B 230 24.98 32.36 5.79
N LEU B 231 25.36 31.22 5.21
CA LEU B 231 24.48 30.45 4.30
C LEU B 231 23.11 30.10 4.92
N HIS B 232 23.09 29.84 6.21
CA HIS B 232 21.84 29.48 6.90
C HIS B 232 21.01 30.69 7.36
N SER B 233 21.61 31.88 7.36
CA SER B 233 20.84 33.06 7.74
C SER B 233 20.75 34.11 6.66
N ASP B 234 20.92 33.71 5.39
CA ASP B 234 20.87 34.65 4.25
C ASP B 234 19.51 34.67 3.52
N GLY B 235 18.56 33.88 3.99
CA GLY B 235 17.26 33.78 3.35
C GLY B 235 17.02 32.54 2.51
N SER B 236 18.09 31.96 1.95
CA SER B 236 18.00 30.78 1.07
C SER B 236 17.30 29.57 1.70
N GLU B 237 17.30 29.51 3.03
CA GLU B 237 16.63 28.42 3.73
C GLU B 237 15.09 28.38 3.45
N ALA B 238 14.52 29.54 3.14
CA ALA B 238 13.10 29.65 2.74
C ALA B 238 12.77 28.95 1.40
N ARG B 239 13.77 28.72 0.56
CA ARG B 239 13.58 28.05 -0.76
C ARG B 239 13.47 26.52 -0.70
N TYR B 240 13.79 25.94 0.45
CA TYR B 240 13.90 24.49 0.57
C TYR B 240 13.04 23.98 1.71
N THR B 241 12.30 22.89 1.48
CA THR B 241 11.50 22.29 2.55
C THR B 241 12.36 21.40 3.45
N TYR B 242 13.48 20.90 2.92
CA TYR B 242 14.36 19.95 3.60
C TYR B 242 15.80 20.47 3.57
N SER B 243 16.48 20.49 4.73
CA SER B 243 17.84 21.05 4.86
C SER B 243 18.62 20.53 6.05
N SER B 244 19.85 20.08 5.79
CA SER B 244 20.77 19.66 6.82
C SER B 244 22.20 19.63 6.27
N ALA B 245 23.18 19.51 7.18
CA ALA B 245 24.58 19.57 6.81
C ALA B 245 25.41 18.57 7.64
N TRP B 246 26.48 18.04 7.01
CA TRP B 246 27.54 17.37 7.73
C TRP B 246 28.59 18.46 7.92
N PHE B 247 29.09 18.66 9.14
CA PHE B 247 30.12 19.68 9.39
C PHE B 247 31.37 19.08 10.01
N ASP B 248 32.50 19.75 9.80
CA ASP B 248 33.81 19.37 10.35
C ASP B 248 33.97 19.85 11.81
N ALA B 249 34.08 18.89 12.74
CA ALA B 249 34.24 19.15 14.18
C ALA B 249 35.68 18.95 14.71
N ILE B 250 36.61 18.56 13.83
CA ILE B 250 37.97 18.12 14.18
C ILE B 250 39.04 19.14 13.76
N SER B 251 38.89 19.74 12.58
CA SER B 251 39.88 20.73 12.08
C SER B 251 40.01 21.97 12.94
N ALA B 252 41.24 22.49 13.01
CA ALA B 252 41.53 23.78 13.63
C ALA B 252 40.69 24.88 12.96
N PRO B 253 40.41 25.99 13.69
CA PRO B 253 39.80 27.14 12.99
C PRO B 253 40.85 27.75 12.05
N PRO B 254 40.46 28.27 10.87
CA PRO B 254 39.07 28.50 10.47
C PRO B 254 38.41 27.45 9.52
N LYS B 255 39.07 26.31 9.29
CA LYS B 255 38.44 25.18 8.60
C LYS B 255 37.28 24.67 9.45
N LEU B 256 37.44 24.74 10.77
CA LEU B 256 36.43 24.25 11.71
C LEU B 256 35.05 24.76 11.34
N GLY B 257 34.09 23.84 11.25
CA GLY B 257 32.71 24.21 10.99
C GLY B 257 32.39 24.40 9.52
N ARG B 258 33.34 24.10 8.65
CA ARG B 258 33.05 23.92 7.23
C ARG B 258 32.08 22.75 7.04
N ALA B 259 31.18 22.87 6.07
CA ALA B 259 30.07 21.93 5.98
C ALA B 259 29.76 21.48 4.54
N ALA B 260 29.23 20.26 4.41
CA ALA B 260 28.56 19.81 3.17
C ALA B 260 27.08 19.94 3.45
N VAL B 261 26.46 20.87 2.73
CA VAL B 261 25.05 21.19 2.88
C VAL B 261 24.23 20.54 1.76
N SER B 262 23.11 19.93 2.15
CA SER B 262 22.22 19.20 1.27
C SER B 262 20.80 19.70 1.54
N ARG B 263 20.19 20.31 0.55
CA ARG B 263 18.90 20.96 0.70
C ARG B 263 18.01 20.63 -0.49
N GLY B 264 16.71 20.49 -0.25
CA GLY B 264 15.82 20.18 -1.36
C GLY B 264 14.35 20.19 -1.03
N ARG B 265 13.58 19.63 -1.94
CA ARG B 265 12.15 19.47 -1.78
C ARG B 265 11.66 18.26 -2.56
N LEU B 266 10.45 17.81 -2.26
CA LEU B 266 9.78 16.78 -3.02
C LEU B 266 9.61 17.19 -4.49
N ALA B 267 9.91 16.26 -5.38
CA ALA B 267 9.77 16.49 -6.81
C ALA B 267 8.32 16.29 -7.27
N THR B 268 7.91 17.10 -8.25
CA THR B 268 6.62 16.90 -8.92
C THR B 268 6.91 15.97 -10.09
N VAL B 269 5.86 15.45 -10.73
CA VAL B 269 5.99 14.49 -11.83
C VAL B 269 6.78 15.07 -13.00
N GLU B 270 6.50 16.33 -13.33
CA GLU B 270 7.11 17.01 -14.50
C GLU B 270 8.62 17.25 -14.34
N GLN B 271 9.12 17.08 -13.13
CA GLN B 271 10.54 17.33 -12.84
C GLN B 271 11.39 16.06 -12.89
N LEU B 272 10.73 14.93 -13.09
CA LEU B 272 11.41 13.66 -13.17
C LEU B 272 11.80 13.36 -14.61
N PRO B 273 13.00 12.75 -14.80
CA PRO B 273 13.36 12.16 -16.08
C PRO B 273 12.31 11.13 -16.53
N ALA B 274 12.10 11.06 -17.84
CA ALA B 274 11.03 10.26 -18.47
C ALA B 274 10.89 8.81 -17.97
N LYS B 275 12.03 8.16 -17.73
CA LYS B 275 12.09 6.79 -17.20
C LYS B 275 11.21 6.61 -15.95
N LEU B 276 11.31 7.56 -15.00
CA LEU B 276 10.66 7.47 -13.72
C LEU B 276 9.19 7.89 -13.74
N ARG B 277 8.76 8.56 -14.81
CA ARG B 277 7.41 9.16 -14.88
C ARG B 277 6.25 8.18 -14.87
N SER B 278 6.54 6.92 -15.16
CA SER B 278 5.50 5.88 -15.18
C SER B 278 5.21 5.31 -13.78
N GLU B 279 6.23 5.21 -12.94
CA GLU B 279 6.05 4.80 -11.53
C GLU B 279 6.60 5.90 -10.59
N PRO B 280 5.96 7.09 -10.59
CA PRO B 280 6.54 8.23 -9.87
C PRO B 280 6.58 8.04 -8.35
N LEU B 281 5.76 7.14 -7.85
CA LEU B 281 5.61 6.88 -6.41
C LEU B 281 6.29 5.58 -5.95
N LYS B 282 7.13 4.98 -6.80
CA LYS B 282 7.80 3.72 -6.48
C LYS B 282 8.97 3.99 -5.55
N PHE B 283 8.99 3.33 -4.39
CA PHE B 283 10.22 3.19 -3.61
C PHE B 283 10.37 1.71 -3.26
N ASP B 284 11.36 0.95 -3.78
CA ASP B 284 12.72 1.29 -4.33
C ASP B 284 13.83 1.07 -3.24
N ALA B 285 13.80 -0.11 -2.59
CA ALA B 285 14.66 -0.45 -1.44
C ALA B 285 16.18 -0.38 -1.70
N GLU B 310 41.01 26.08 -3.95
CA GLU B 310 39.78 26.29 -3.18
C GLU B 310 38.59 26.56 -4.10
N LEU B 311 38.91 27.07 -5.30
CA LEU B 311 37.93 27.26 -6.40
C LEU B 311 37.29 25.92 -6.80
N TRP B 312 38.14 24.89 -6.78
CA TRP B 312 37.74 23.53 -7.08
C TRP B 312 36.87 22.92 -5.97
N TYR B 313 37.31 23.09 -4.71
CA TYR B 313 36.59 22.64 -3.49
C TYR B 313 35.07 22.95 -3.55
N ARG B 314 34.75 24.21 -3.91
CA ARG B 314 33.36 24.68 -4.10
C ARG B 314 32.70 23.96 -5.27
N LYS B 315 33.27 24.10 -6.47
CA LYS B 315 32.75 23.45 -7.69
C LYS B 315 32.47 21.96 -7.49
N SER B 316 33.43 21.25 -6.88
CA SER B 316 33.36 19.81 -6.63
C SER B 316 32.23 19.34 -5.70
N GLY B 317 31.85 20.17 -4.74
CA GLY B 317 30.77 19.81 -3.81
C GLY B 317 29.44 20.49 -4.08
N THR B 318 29.35 21.13 -5.24
CA THR B 318 28.20 21.96 -5.58
C THR B 318 27.47 21.30 -6.73
N TYR B 319 26.19 21.03 -6.51
CA TYR B 319 25.30 20.52 -7.53
C TYR B 319 23.94 21.20 -7.39
N ARG B 320 23.21 21.24 -8.49
CA ARG B 320 21.87 21.84 -8.57
C ARG B 320 20.93 20.89 -9.26
N GLY B 321 19.70 20.86 -8.78
CA GLY B 321 18.61 20.09 -9.38
C GLY B 321 18.82 18.59 -9.55
N LYS B 322 19.57 17.97 -8.63
CA LYS B 322 19.81 16.51 -8.67
C LYS B 322 18.59 15.75 -8.17
N VAL B 323 18.24 14.72 -8.94
CA VAL B 323 17.09 13.88 -8.63
C VAL B 323 17.61 12.75 -7.75
N GLN B 324 17.01 12.60 -6.57
CA GLN B 324 17.44 11.59 -5.59
C GLN B 324 16.23 10.91 -4.96
N ASN B 325 16.33 9.59 -4.76
CA ASN B 325 15.33 8.89 -3.91
C ASN B 325 15.64 9.14 -2.45
N LEU B 326 14.78 8.61 -1.59
CA LEU B 326 14.86 8.84 -0.16
C LEU B 326 16.18 8.32 0.45
N THR B 327 16.65 7.16 -0.04
CA THR B 327 17.95 6.60 0.35
C THR B 327 19.12 7.56 0.02
N GLN B 328 19.18 8.11 -1.20
CA GLN B 328 20.29 8.99 -1.62
C GLN B 328 20.23 10.33 -0.88
N PHE B 329 19.03 10.81 -0.61
CA PHE B 329 18.85 12.14 -0.07
C PHE B 329 19.06 12.24 1.44
N TYR B 330 18.75 11.16 2.15
CA TYR B 330 18.45 11.22 3.56
C TYR B 330 19.15 10.05 4.24
N HIS B 331 18.64 8.84 4.02
CA HIS B 331 19.10 7.60 4.69
C HIS B 331 20.17 6.82 3.90
N GLY B 347 30.56 1.59 21.46
CA GLY B 347 31.61 2.33 22.16
C GLY B 347 31.59 3.81 21.82
N PHE B 348 30.36 4.36 21.69
CA PHE B 348 30.10 5.76 21.29
C PHE B 348 29.02 6.46 22.12
N LEU B 349 29.13 7.78 22.26
CA LEU B 349 28.14 8.57 23.00
C LEU B 349 27.54 9.63 22.08
N GLN B 350 26.24 9.51 21.81
CA GLN B 350 25.54 10.48 20.99
C GLN B 350 25.14 11.67 21.87
N TYR B 351 25.39 12.88 21.38
CA TYR B 351 25.12 14.09 22.13
C TYR B 351 24.56 15.16 21.21
N GLN B 352 23.33 15.59 21.49
CA GLN B 352 22.62 16.53 20.67
C GLN B 352 22.08 17.69 21.51
N PHE B 353 22.26 18.91 21.00
CA PHE B 353 21.78 20.08 21.68
C PHE B 353 21.35 21.11 20.65
N VAL B 354 20.58 22.10 21.11
CA VAL B 354 20.20 23.23 20.28
C VAL B 354 20.50 24.52 21.07
N ILE B 355 21.02 25.53 20.39
CA ILE B 355 21.31 26.86 20.94
C ILE B 355 20.36 27.84 20.26
N PRO B 356 19.69 28.76 21.01
CA PRO B 356 18.72 29.68 20.33
C PRO B 356 19.39 30.52 19.24
N THR B 357 18.62 30.88 18.21
CA THR B 357 19.11 31.59 17.02
C THR B 357 19.99 32.78 17.35
N GLU B 358 19.48 33.65 18.23
CA GLU B 358 20.13 34.94 18.55
C GLU B 358 21.52 34.78 19.18
N ALA B 359 21.72 33.66 19.84
CA ALA B 359 22.97 33.35 20.52
C ALA B 359 24.04 32.75 19.59
N VAL B 360 24.12 33.29 18.37
CA VAL B 360 25.03 32.80 17.34
C VAL B 360 26.50 32.81 17.78
N ASP B 361 26.95 33.91 18.41
CA ASP B 361 28.32 33.99 18.93
C ASP B 361 28.67 32.91 19.96
N GLU B 362 27.69 32.61 20.81
CA GLU B 362 27.78 31.57 21.83
C GLU B 362 27.87 30.16 21.18
N PHE B 363 27.11 29.97 20.11
CA PHE B 363 27.14 28.75 19.32
C PHE B 363 28.54 28.46 18.75
N LYS B 364 29.12 29.46 18.10
CA LYS B 364 30.49 29.38 17.55
C LYS B 364 31.55 29.06 18.61
N LYS B 365 31.38 29.61 19.82
CA LYS B 365 32.21 29.30 20.97
C LYS B 365 32.15 27.82 21.39
N ILE B 366 30.93 27.25 21.48
CA ILE B 366 30.76 25.83 21.86
C ILE B 366 31.47 24.92 20.83
N ILE B 367 31.29 25.21 19.54
CA ILE B 367 31.96 24.41 18.50
C ILE B 367 33.48 24.44 18.70
N GLY B 368 34.01 25.65 18.98
CA GLY B 368 35.42 25.85 19.26
C GLY B 368 35.88 25.01 20.43
N VAL B 369 35.04 24.88 21.45
CA VAL B 369 35.37 24.07 22.62
C VAL B 369 35.40 22.60 22.23
N ILE B 370 34.40 22.16 21.48
CA ILE B 370 34.38 20.79 20.98
C ILE B 370 35.70 20.41 20.25
N GLN B 371 36.19 21.23 19.30
CA GLN B 371 37.43 20.79 18.60
C GLN B 371 38.72 20.91 19.38
N ALA B 372 38.78 21.86 20.31
CA ALA B 372 39.94 21.99 21.17
C ALA B 372 39.96 20.91 22.26
N SER B 373 38.85 20.20 22.46
CA SER B 373 38.70 19.23 23.57
C SER B 373 39.56 17.95 23.50
N GLY B 374 40.01 17.57 22.31
CA GLY B 374 40.70 16.30 22.14
C GLY B 374 39.78 15.08 22.09
N HIS B 375 38.48 15.35 21.94
CA HIS B 375 37.47 14.31 21.72
C HIS B 375 36.98 14.48 20.29
N TYR B 376 37.34 13.52 19.44
CA TYR B 376 37.13 13.61 17.98
C TYR B 376 35.83 13.02 17.51
N SER B 377 35.04 13.84 16.83
CA SER B 377 33.75 13.40 16.32
C SER B 377 33.72 13.50 14.79
N PHE B 378 33.48 12.35 14.14
CA PHE B 378 33.51 12.24 12.67
C PHE B 378 32.13 12.46 12.04
N LEU B 379 31.10 11.83 12.59
CA LEU B 379 29.74 11.99 12.07
C LEU B 379 28.95 13.02 12.87
N ASN B 380 28.76 14.19 12.25
CA ASN B 380 28.20 15.39 12.87
C ASN B 380 27.11 16.02 12.00
N VAL B 381 25.89 16.18 12.53
CA VAL B 381 24.77 16.78 11.78
C VAL B 381 24.52 18.21 12.27
N PHE B 382 24.33 19.14 11.36
CA PHE B 382 23.96 20.52 11.67
C PHE B 382 22.68 20.91 10.96
N LYS B 383 21.77 21.54 11.70
CA LYS B 383 20.51 21.99 11.12
C LYS B 383 20.03 23.24 11.87
N LEU B 384 19.42 24.17 11.15
CA LEU B 384 18.72 25.29 11.76
C LEU B 384 17.24 24.92 11.94
N PHE B 385 16.79 24.82 13.20
CA PHE B 385 15.37 24.60 13.57
C PHE B 385 14.49 25.84 13.34
N GLY B 386 13.25 25.60 12.94
CA GLY B 386 12.23 26.67 12.84
C GLY B 386 11.45 26.80 14.15
N PRO B 387 10.24 27.41 14.09
CA PRO B 387 9.38 27.59 15.28
C PRO B 387 9.09 26.32 16.08
N ARG B 388 8.97 26.50 17.38
CA ARG B 388 8.58 25.44 18.31
C ARG B 388 7.07 25.16 18.33
N ASN B 389 6.67 24.03 18.89
CA ASN B 389 5.25 23.76 19.08
C ASN B 389 4.87 23.94 20.56
N GLN B 390 3.61 23.66 20.89
CA GLN B 390 3.13 23.92 22.24
C GLN B 390 3.36 22.79 23.26
N ALA B 391 4.13 21.75 22.92
CA ALA B 391 4.40 20.67 23.89
C ALA B 391 5.44 21.11 24.93
N PRO B 392 5.07 21.08 26.23
CA PRO B 392 6.02 21.48 27.30
C PRO B 392 7.43 20.87 27.22
N LEU B 393 7.55 19.56 26.94
CA LEU B 393 8.88 18.89 26.88
C LEU B 393 9.43 18.66 25.46
N SER B 394 8.83 19.30 24.48
CA SER B 394 9.32 19.17 23.11
C SER B 394 10.73 19.72 22.99
N PHE B 395 11.64 18.95 22.42
CA PHE B 395 13.03 19.39 22.29
C PHE B 395 13.29 20.62 21.36
N PRO B 396 12.75 20.63 20.12
CA PRO B 396 13.23 21.74 19.25
C PRO B 396 12.77 23.14 19.65
N ILE B 397 13.65 24.11 19.47
CA ILE B 397 13.34 25.53 19.58
C ILE B 397 14.07 26.25 18.45
N PRO B 398 13.60 27.46 18.06
CA PRO B 398 14.28 28.09 16.92
C PRO B 398 15.78 28.24 17.17
N GLY B 399 16.62 27.73 16.27
CA GLY B 399 18.07 27.86 16.48
C GLY B 399 18.97 26.74 16.03
N TRP B 400 20.18 26.74 16.56
CA TRP B 400 21.29 25.97 16.00
C TRP B 400 21.39 24.57 16.59
N ASN B 401 21.02 23.55 15.81
CA ASN B 401 20.98 22.18 16.30
C ASN B 401 22.17 21.37 15.80
N ILE B 402 22.78 20.61 16.71
CA ILE B 402 24.01 19.83 16.49
C ILE B 402 23.90 18.48 17.11
N CYS B 403 24.16 17.45 16.32
CA CYS B 403 24.34 16.09 16.82
C CYS B 403 25.79 15.70 16.57
N VAL B 404 26.48 15.32 17.64
CA VAL B 404 27.86 14.87 17.57
C VAL B 404 27.92 13.47 18.16
N ASP B 405 29.03 12.79 17.94
CA ASP B 405 29.16 11.39 18.27
C ASP B 405 30.59 11.14 18.79
N PHE B 406 30.73 10.95 20.10
CA PHE B 406 32.06 10.80 20.69
C PHE B 406 32.41 9.34 21.00
N PRO B 407 33.63 8.92 20.65
CA PRO B 407 34.04 7.59 21.09
C PRO B 407 34.38 7.68 22.56
N ILE B 408 34.02 6.62 23.28
CA ILE B 408 34.21 6.55 24.73
C ILE B 408 35.72 6.51 25.08
N LYS B 409 36.19 7.58 25.74
CA LYS B 409 37.57 7.78 26.22
C LYS B 409 37.57 8.18 27.70
N ASP B 410 38.74 8.15 28.34
CA ASP B 410 38.97 8.78 29.66
C ASP B 410 38.68 10.31 29.58
N GLY B 411 37.89 10.80 30.55
CA GLY B 411 37.56 12.22 30.69
C GLY B 411 36.37 12.71 29.92
N LEU B 412 35.77 11.84 29.11
CA LEU B 412 34.62 12.18 28.28
C LEU B 412 33.43 12.57 29.14
N GLY B 413 33.17 11.75 30.18
CA GLY B 413 32.04 11.91 31.09
C GLY B 413 32.04 13.30 31.68
N LYS B 414 33.23 13.68 32.18
CA LYS B 414 33.49 15.01 32.74
C LYS B 414 33.41 16.10 31.67
N PHE B 415 33.90 15.82 30.47
CA PHE B 415 33.87 16.82 29.40
C PHE B 415 32.47 17.14 28.90
N VAL B 416 31.59 16.14 28.82
CA VAL B 416 30.23 16.43 28.40
C VAL B 416 29.46 17.22 29.47
N SER B 417 29.81 17.00 30.73
CA SER B 417 29.25 17.78 31.84
C SER B 417 29.51 19.27 31.68
N GLU B 418 30.71 19.61 31.21
CA GLU B 418 31.06 21.00 30.93
C GLU B 418 30.32 21.57 29.75
N LEU B 419 30.09 20.72 28.74
CA LEU B 419 29.30 21.09 27.60
C LEU B 419 27.88 21.35 28.01
N ASP B 420 27.30 20.43 28.78
CA ASP B 420 25.94 20.60 29.34
C ASP B 420 25.78 22.00 29.91
N ARG B 421 26.76 22.39 30.72
CA ARG B 421 26.71 23.62 31.44
C ARG B 421 26.84 24.83 30.55
N ARG B 422 27.58 24.68 29.45
CA ARG B 422 27.63 25.71 28.43
C ARG B 422 26.31 25.87 27.71
N VAL B 423 25.71 24.75 27.31
CA VAL B 423 24.43 24.74 26.60
C VAL B 423 23.36 25.37 27.49
N LEU B 424 23.43 25.06 28.79
CA LEU B 424 22.49 25.59 29.78
C LEU B 424 22.64 27.09 29.95
N GLU B 425 23.88 27.53 30.01
CA GLU B 425 24.17 28.92 30.15
C GLU B 425 23.66 29.74 28.95
N PHE B 426 23.70 29.17 27.77
CA PHE B 426 23.34 29.90 26.58
C PHE B 426 21.86 29.74 26.19
N GLY B 427 21.06 29.09 27.05
CA GLY B 427 19.62 29.01 26.84
C GLY B 427 19.18 27.81 26.02
N GLY B 428 20.13 26.94 25.69
CA GLY B 428 19.83 25.74 24.92
C GLY B 428 19.38 24.57 25.77
N ARG B 429 19.22 23.42 25.12
CA ARG B 429 18.82 22.19 25.83
C ARG B 429 19.37 20.96 25.12
N LEU B 430 19.32 19.83 25.82
CA LEU B 430 19.66 18.53 25.26
C LEU B 430 18.42 17.77 24.92
N TYR B 431 18.58 16.79 24.05
CA TYR B 431 17.52 15.91 23.59
C TYR B 431 17.56 14.61 24.39
N THR B 432 16.44 14.26 25.00
CA THR B 432 16.34 13.05 25.86
C THR B 432 16.42 11.72 25.12
N ALA B 433 16.11 11.73 23.82
CA ALA B 433 16.23 10.54 23.00
C ALA B 433 17.69 10.18 22.72
N LYS B 434 18.61 11.12 22.95
CA LYS B 434 20.05 10.92 22.75
C LYS B 434 20.83 10.89 24.05
N ASP B 435 20.18 11.25 25.16
CA ASP B 435 20.87 11.48 26.44
C ASP B 435 20.61 10.37 27.45
N SER B 436 21.67 10.03 28.19
CA SER B 436 21.62 9.04 29.28
C SER B 436 22.28 9.51 30.60
N ARG B 437 23.06 10.60 30.54
CA ARG B 437 23.93 10.96 31.68
C ARG B 437 23.65 12.30 32.40
N THR B 438 22.74 13.14 31.91
CA THR B 438 22.52 14.46 32.50
C THR B 438 21.69 14.42 33.80
N THR B 439 21.85 15.45 34.64
CA THR B 439 21.17 15.51 35.95
C THR B 439 19.79 16.12 35.90
N ALA B 440 19.02 15.86 36.95
CA ALA B 440 17.69 16.44 37.11
C ALA B 440 17.69 17.97 37.03
N GLU B 441 18.60 18.63 37.75
CA GLU B 441 18.66 20.11 37.74
C GLU B 441 18.88 20.67 36.40
N THR B 442 19.91 20.14 35.73
CA THR B 442 20.27 20.57 34.40
C THR B 442 19.02 20.50 33.52
N PHE B 443 18.37 19.34 33.53
CA PHE B 443 17.17 19.13 32.73
C PHE B 443 16.06 20.11 33.06
N HIS B 444 15.85 20.35 34.36
CA HIS B 444 14.77 21.20 34.82
C HIS B 444 14.98 22.64 34.36
N ALA B 445 16.23 23.13 34.48
CA ALA B 445 16.60 24.46 33.99
C ALA B 445 16.48 24.62 32.46
N MET B 446 16.79 23.58 31.70
CA MET B 446 16.71 23.64 30.25
C MET B 446 15.26 23.61 29.70
N TYR B 447 14.33 23.05 30.47
CA TYR B 447 12.93 22.95 30.08
C TYR B 447 12.08 23.68 31.10
N PRO B 448 11.99 25.02 30.96
CA PRO B 448 11.40 25.74 32.11
C PRO B 448 9.90 25.46 32.29
N ARG B 449 9.28 24.85 31.28
CA ARG B 449 7.89 24.46 31.39
C ARG B 449 7.67 23.10 32.05
N VAL B 450 8.74 22.51 32.59
CA VAL B 450 8.64 21.17 33.22
C VAL B 450 7.64 21.10 34.36
N ASP B 451 7.53 22.15 35.13
CA ASP B 451 6.65 22.13 36.29
C ASP B 451 5.21 22.08 35.85
N GLU B 452 4.86 22.92 34.88
CA GLU B 452 3.55 22.88 34.22
C GLU B 452 3.22 21.44 33.74
N TRP B 453 4.20 20.80 33.12
CA TRP B 453 4.09 19.44 32.61
C TRP B 453 3.86 18.43 33.72
N ILE B 454 4.70 18.48 34.75
CA ILE B 454 4.61 17.60 35.91
C ILE B 454 3.20 17.60 36.54
N SER B 455 2.57 18.76 36.58
CA SER B 455 1.26 18.85 37.21
C SER B 455 0.22 18.15 36.35
N VAL B 456 0.36 18.27 35.03
CA VAL B 456 -0.49 17.52 34.09
C VAL B 456 -0.25 16.02 34.28
N ARG B 457 1.01 15.64 34.44
CA ARG B 457 1.33 14.25 34.71
C ARG B 457 0.74 13.70 36.01
N ARG B 458 0.81 14.47 37.10
CA ARG B 458 0.27 14.04 38.38
C ARG B 458 -1.26 13.93 38.35
N LYS B 459 -1.89 14.79 37.55
CA LYS B 459 -3.34 14.76 37.36
C LYS B 459 -3.81 13.47 36.67
N VAL B 460 -3.06 13.01 35.67
CA VAL B 460 -3.45 11.82 34.90
C VAL B 460 -2.90 10.51 35.49
N ASP B 461 -1.79 10.62 36.23
CA ASP B 461 -1.18 9.46 36.88
C ASP B 461 -0.84 9.75 38.37
N PRO B 462 -1.87 9.74 39.25
CA PRO B 462 -1.61 10.04 40.67
C PRO B 462 -0.69 9.02 41.36
N LEU B 463 -0.87 7.73 41.05
CA LEU B 463 -0.19 6.62 41.76
C LEU B 463 1.18 6.19 41.20
N ARG B 464 1.72 6.99 40.29
CA ARG B 464 3.02 6.72 39.60
C ARG B 464 3.09 5.36 38.86
N VAL B 465 1.97 5.02 38.23
CA VAL B 465 1.80 3.77 37.48
C VAL B 465 2.74 3.67 36.26
N PHE B 466 2.94 4.79 35.57
CA PHE B 466 3.91 4.88 34.48
C PHE B 466 5.22 5.49 34.95
N ALA B 467 6.29 4.72 34.78
CA ALA B 467 7.59 5.06 35.33
C ALA B 467 8.69 4.45 34.47
N SER B 468 9.83 5.15 34.42
CA SER B 468 11.02 4.71 33.70
C SER B 468 12.31 5.09 34.44
N ASP B 469 13.42 4.48 34.03
CA ASP B 469 14.75 4.86 34.48
C ASP B 469 15.00 6.35 34.31
N MET B 470 14.74 6.89 33.12
CA MET B 470 14.83 8.33 32.87
C MET B 470 13.98 9.17 33.84
N ALA B 471 12.73 8.76 34.05
CA ALA B 471 11.81 9.47 34.93
C ALA B 471 12.36 9.60 36.33
N ARG B 472 12.93 8.52 36.84
CA ARG B 472 13.58 8.53 38.16
C ARG B 472 14.83 9.43 38.16
N ARG B 473 15.68 9.29 37.15
CA ARG B 473 16.93 10.04 37.02
C ARG B 473 16.64 11.55 36.91
N LEU B 474 15.73 11.92 36.00
CA LEU B 474 15.42 13.32 35.72
C LEU B 474 14.35 13.90 36.63
N GLU B 475 13.87 13.09 37.56
CA GLU B 475 12.85 13.49 38.55
C GLU B 475 11.63 14.12 37.90
N LEU B 476 11.10 13.37 36.94
CA LEU B 476 9.85 13.70 36.27
C LEU B 476 8.73 12.84 36.84
N LEU B 477 9.07 11.94 37.77
CA LEU B 477 8.15 10.94 38.29
C LEU B 477 7.00 11.58 39.05
#